data_6VVD
#
_entry.id   6VVD
#
_cell.length_a   52.928
_cell.length_b   73.207
_cell.length_c   261.249
_cell.angle_alpha   90.000
_cell.angle_beta   90.000
_cell.angle_gamma   90.000
#
_symmetry.space_group_name_H-M   'P 21 21 21'
#
loop_
_entity.id
_entity.type
_entity.pdbx_description
1 polymer 'Dot/Icm T4SS effector'
2 non-polymer 'INOSITOL HEXAKISPHOSPHATE'
#
_entity_poly.entity_id   1
_entity_poly.type   'polypeptide(L)'
_entity_poly.pdbx_seq_one_letter_code
;SMLKYSTNMLELAMPKINKIVNGTDLTPHYLSEPNKEFKIYRYNNEVYAVRFENDEPMDYVLMWKSHKSEHTQNSEMIKN
TEEDYKELGKGEQGTVYEKTEDKAMKVSRGRHPREFYEEINLHIIEQQFFLKYHGIQEHFVLGLWNIKNEENVYFYMPKI
NAIPINKKIDQPKIEEFVLALKELNDAGYWHPDLANNPYHISPQNLIATEEMVKTIDLDGGFRYDKGRVDELSRKSLVYG
KDQWLYVYNFIYPPTDEEDHRIDWRVPIEKWYENNRDESLSDNPHTLLRFYHEGLISLPKKLAHDLHETILEEL
;
_entity_poly.pdbx_strand_id   A,B,C
#
loop_
_chem_comp.id
_chem_comp.type
_chem_comp.name
_chem_comp.formula
IHP non-polymer 'INOSITOL HEXAKISPHOSPHATE' 'C6 H18 O24 P6'
#
# COMPACT_ATOMS: atom_id res chain seq x y z
N LYS A 16 -9.04 -5.41 18.27
CA LYS A 16 -8.86 -6.86 18.38
C LYS A 16 -7.54 -7.20 19.06
N ILE A 17 -6.54 -6.34 18.85
CA ILE A 17 -5.20 -6.59 19.39
C ILE A 17 -5.29 -7.00 20.85
N ASN A 18 -5.87 -6.13 21.69
CA ASN A 18 -5.93 -6.41 23.12
C ASN A 18 -6.94 -7.50 23.44
N LYS A 19 -7.95 -7.69 22.60
CA LYS A 19 -8.89 -8.78 22.80
C LYS A 19 -8.23 -10.14 22.53
N ILE A 20 -7.32 -10.20 21.57
CA ILE A 20 -6.71 -11.47 21.20
C ILE A 20 -5.78 -11.97 22.31
N VAL A 21 -4.96 -11.07 22.87
CA VAL A 21 -4.03 -11.47 23.92
C VAL A 21 -4.72 -11.83 25.23
N ASN A 22 -6.02 -11.58 25.34
CA ASN A 22 -6.81 -12.07 26.48
C ASN A 22 -7.33 -13.49 26.24
N GLY A 23 -7.01 -14.10 25.11
CA GLY A 23 -7.48 -15.43 24.79
C GLY A 23 -6.66 -16.51 25.47
N THR A 24 -6.69 -17.70 24.87
CA THR A 24 -5.99 -18.86 25.40
C THR A 24 -4.58 -18.92 24.83
N ASP A 25 -3.59 -18.97 25.71
CA ASP A 25 -2.19 -18.97 25.31
C ASP A 25 -1.75 -20.38 24.93
N LEU A 26 -1.36 -20.55 23.66
CA LEU A 26 -0.91 -21.84 23.14
C LEU A 26 0.57 -21.85 22.83
N THR A 27 1.32 -20.83 23.25
CA THR A 27 2.71 -20.68 22.87
C THR A 27 3.56 -21.91 23.14
N PRO A 28 3.48 -22.56 24.32
CA PRO A 28 4.39 -23.68 24.60
C PRO A 28 4.19 -24.87 23.67
N HIS A 29 3.15 -24.89 22.84
CA HIS A 29 2.91 -25.99 21.92
C HIS A 29 3.55 -25.77 20.55
N TYR A 30 4.14 -24.60 20.31
CA TYR A 30 4.65 -24.26 18.99
C TYR A 30 6.03 -23.63 19.04
N LEU A 31 6.23 -22.66 19.94
CA LEU A 31 7.46 -21.90 20.02
C LEU A 31 8.24 -22.29 21.27
N SER A 32 9.53 -21.98 21.24
CA SER A 32 10.43 -22.28 22.35
C SER A 32 10.19 -21.32 23.49
N GLU A 33 9.88 -21.83 24.68
CA GLU A 33 9.52 -20.98 25.81
C GLU A 33 10.78 -20.56 26.56
N PRO A 34 10.91 -19.27 26.95
CA PRO A 34 10.05 -18.14 26.57
C PRO A 34 10.58 -17.45 25.32
N ASN A 35 9.70 -16.76 24.60
CA ASN A 35 10.04 -16.03 23.39
C ASN A 35 9.73 -14.56 23.61
N LYS A 36 10.68 -13.70 23.23
CA LYS A 36 10.53 -12.28 23.52
C LYS A 36 9.64 -11.55 22.52
N GLU A 37 9.37 -12.14 21.35
CA GLU A 37 8.70 -11.42 20.29
C GLU A 37 7.38 -12.02 19.83
N PHE A 38 7.19 -13.33 19.94
CA PHE A 38 6.03 -13.98 19.34
C PHE A 38 5.32 -14.89 20.33
N LYS A 39 3.99 -14.89 20.26
CA LYS A 39 3.15 -15.75 21.06
C LYS A 39 2.03 -16.29 20.18
N ILE A 40 1.41 -17.38 20.63
CA ILE A 40 0.31 -18.02 19.92
C ILE A 40 -0.92 -17.98 20.82
N TYR A 41 -2.02 -17.42 20.30
CA TYR A 41 -3.23 -17.23 21.08
C TYR A 41 -4.45 -17.71 20.32
N ARG A 42 -5.40 -18.28 21.06
CA ARG A 42 -6.71 -18.65 20.55
C ARG A 42 -7.73 -17.62 21.01
N TYR A 43 -8.60 -17.19 20.10
CA TYR A 43 -9.57 -16.14 20.42
C TYR A 43 -10.71 -16.21 19.41
N ASN A 44 -11.90 -16.59 19.89
CA ASN A 44 -13.11 -16.68 19.07
C ASN A 44 -12.91 -17.65 17.90
N ASN A 45 -12.53 -18.88 18.23
CA ASN A 45 -12.34 -19.93 17.25
C ASN A 45 -11.31 -19.56 16.19
N GLU A 46 -10.30 -18.77 16.59
CA GLU A 46 -9.23 -18.35 15.70
C GLU A 46 -7.92 -18.45 16.44
N VAL A 47 -6.90 -19.04 15.81
CA VAL A 47 -5.55 -19.08 16.36
C VAL A 47 -4.76 -17.96 15.70
N TYR A 48 -4.09 -17.16 16.53
CA TYR A 48 -3.32 -16.01 16.08
C TYR A 48 -1.86 -16.17 16.45
N ALA A 49 -1.01 -15.46 15.71
CA ALA A 49 0.38 -15.26 16.08
C ALA A 49 0.53 -13.77 16.39
N VAL A 50 0.88 -13.46 17.63
CA VAL A 50 0.94 -12.07 18.09
C VAL A 50 2.40 -11.67 18.22
N ARG A 51 2.71 -10.46 17.77
CA ARG A 51 4.06 -9.91 17.79
C ARG A 51 4.17 -8.86 18.89
N PHE A 52 5.24 -8.93 19.67
CA PHE A 52 5.41 -8.10 20.84
C PHE A 52 6.65 -7.22 20.72
N GLU A 53 6.50 -5.96 21.10
CA GLU A 53 7.54 -4.95 21.05
C GLU A 53 7.33 -4.04 22.26
N ASN A 54 8.43 -3.57 22.83
CA ASN A 54 8.40 -2.94 24.16
C ASN A 54 7.88 -3.91 25.21
N ASP A 55 7.84 -5.20 24.87
CA ASP A 55 7.10 -6.21 25.62
C ASP A 55 5.59 -5.95 25.58
N GLU A 56 5.13 -5.20 24.58
CA GLU A 56 3.73 -4.88 24.35
C GLU A 56 3.30 -5.44 23.00
N PRO A 57 2.04 -5.84 22.85
CA PRO A 57 1.58 -6.34 21.54
C PRO A 57 1.48 -5.22 20.53
N MET A 58 1.96 -5.48 19.31
CA MET A 58 1.94 -4.50 18.23
C MET A 58 1.08 -4.92 17.05
N ASP A 59 1.14 -6.19 16.66
CA ASP A 59 0.40 -6.65 15.49
C ASP A 59 0.06 -8.12 15.67
N TYR A 60 -0.89 -8.59 14.84
CA TYR A 60 -1.31 -9.97 14.87
C TYR A 60 -1.56 -10.47 13.45
N VAL A 61 -1.45 -11.78 13.27
CA VAL A 61 -1.77 -12.44 12.01
C VAL A 61 -2.64 -13.66 12.30
N LEU A 62 -3.63 -13.88 11.44
CA LEU A 62 -4.49 -15.05 11.56
C LEU A 62 -3.81 -16.27 10.95
N MET A 63 -3.79 -17.37 11.70
CA MET A 63 -3.16 -18.61 11.26
C MET A 63 -4.16 -19.65 10.77
N TRP A 64 -5.21 -19.92 11.55
CA TRP A 64 -6.24 -20.87 11.17
C TRP A 64 -7.40 -20.75 12.16
N LYS A 65 -8.51 -21.43 11.82
CA LYS A 65 -9.72 -21.43 12.64
C LYS A 65 -9.72 -22.67 13.53
N SER A 66 -10.35 -22.53 14.71
CA SER A 66 -10.28 -23.55 15.75
C SER A 66 -11.66 -24.08 16.09
N HIS A 67 -11.68 -25.27 16.71
CA HIS A 67 -12.91 -25.94 17.12
C HIS A 67 -12.71 -26.58 18.49
N LYS A 68 -12.17 -25.82 19.43
CA LYS A 68 -11.92 -26.33 20.78
C LYS A 68 -13.23 -26.56 21.52
N ASP A 84 -9.34 -42.53 13.35
CA ASP A 84 -8.88 -42.35 11.98
C ASP A 84 -9.54 -41.13 11.32
N TYR A 85 -8.73 -40.13 10.99
CA TYR A 85 -9.20 -38.97 10.25
C TYR A 85 -9.19 -39.26 8.75
N LYS A 86 -9.95 -38.47 8.00
CA LYS A 86 -9.97 -38.60 6.55
C LYS A 86 -8.65 -38.13 5.95
N GLU A 87 -8.24 -38.78 4.87
CA GLU A 87 -7.02 -38.41 4.15
C GLU A 87 -7.35 -37.41 3.05
N LEU A 88 -6.66 -36.27 3.09
CA LEU A 88 -6.79 -35.27 2.04
C LEU A 88 -5.81 -35.50 0.89
N GLY A 89 -4.68 -36.14 1.17
CA GLY A 89 -3.71 -36.43 0.14
C GLY A 89 -2.62 -37.33 0.69
N LYS A 90 -1.87 -37.93 -0.23
CA LYS A 90 -0.75 -38.80 0.15
C LYS A 90 0.11 -39.06 -1.08
N GLY A 91 1.41 -39.01 -0.90
CA GLY A 91 2.34 -39.27 -2.00
C GLY A 91 3.67 -38.55 -1.77
N GLU A 92 4.17 -37.95 -2.84
CA GLU A 92 5.48 -37.31 -2.78
C GLU A 92 5.57 -36.36 -1.58
N GLN A 93 4.65 -35.39 -1.52
CA GLN A 93 4.73 -34.31 -0.54
C GLN A 93 4.38 -34.73 0.88
N GLY A 94 3.81 -35.92 1.09
CA GLY A 94 3.48 -36.41 2.41
C GLY A 94 1.98 -36.63 2.57
N THR A 95 1.62 -37.14 3.75
CA THR A 95 0.23 -37.45 4.07
C THR A 95 -0.41 -36.29 4.82
N VAL A 96 -1.56 -35.83 4.32
CA VAL A 96 -2.31 -34.74 4.93
C VAL A 96 -3.68 -35.27 5.33
N TYR A 97 -4.10 -34.97 6.56
CA TYR A 97 -5.37 -35.41 7.09
C TYR A 97 -6.31 -34.23 7.29
N GLU A 98 -7.57 -34.55 7.58
CA GLU A 98 -8.58 -33.55 7.92
C GLU A 98 -8.87 -33.68 9.41
N LYS A 99 -8.23 -32.82 10.21
CA LYS A 99 -8.51 -32.78 11.64
C LYS A 99 -9.90 -32.19 11.89
N THR A 100 -10.17 -31.02 11.33
CA THR A 100 -11.50 -30.45 11.28
C THR A 100 -11.76 -29.94 9.87
N GLU A 101 -12.98 -29.46 9.62
CA GLU A 101 -13.35 -29.03 8.29
C GLU A 101 -12.82 -27.64 7.94
N ASP A 102 -12.12 -26.98 8.87
CA ASP A 102 -11.46 -25.72 8.58
C ASP A 102 -9.95 -25.80 8.72
N LYS A 103 -9.39 -26.98 8.98
CA LYS A 103 -7.99 -27.11 9.35
C LYS A 103 -7.45 -28.45 8.89
N ALA A 104 -6.35 -28.39 8.15
CA ALA A 104 -5.66 -29.59 7.68
C ALA A 104 -4.52 -29.93 8.64
N MET A 105 -4.06 -31.18 8.54
CA MET A 105 -3.03 -31.70 9.43
C MET A 105 -2.06 -32.50 8.58
N LYS A 106 -0.80 -32.08 8.57
CA LYS A 106 0.24 -32.72 7.76
C LYS A 106 1.22 -33.39 8.72
N VAL A 107 1.22 -34.72 8.73
CA VAL A 107 2.10 -35.45 9.64
C VAL A 107 3.54 -35.36 9.13
N SER A 108 4.49 -35.37 10.06
CA SER A 108 5.89 -35.22 9.71
C SER A 108 6.49 -36.58 9.37
N ARG A 109 7.40 -36.58 8.39
CA ARG A 109 8.10 -37.78 7.99
C ARG A 109 9.51 -37.86 8.56
N GLY A 110 10.20 -36.72 8.64
CA GLY A 110 11.54 -36.70 9.19
C GLY A 110 11.54 -36.81 10.70
N ARG A 111 12.73 -36.98 11.25
CA ARG A 111 12.93 -37.01 12.70
C ARG A 111 13.94 -35.93 13.05
N HIS A 112 13.51 -34.97 13.86
CA HIS A 112 14.36 -33.87 14.27
C HIS A 112 13.99 -33.47 15.68
N PRO A 113 14.83 -32.69 16.34
CA PRO A 113 14.48 -32.18 17.68
C PRO A 113 13.32 -31.20 17.63
N ARG A 114 12.72 -30.98 18.80
CA ARG A 114 11.69 -29.96 18.92
C ARG A 114 12.19 -28.61 18.42
N GLU A 115 13.39 -28.20 18.88
CA GLU A 115 13.92 -26.89 18.55
C GLU A 115 14.05 -26.69 17.04
N PHE A 116 14.12 -27.77 16.26
CA PHE A 116 14.21 -27.63 14.81
C PHE A 116 12.90 -27.12 14.23
N TYR A 117 11.77 -27.66 14.67
CA TYR A 117 10.47 -27.21 14.20
C TYR A 117 10.06 -25.87 14.83
N GLU A 118 10.58 -25.54 16.01
CA GLU A 118 10.31 -24.23 16.59
C GLU A 118 10.96 -23.12 15.78
N GLU A 119 12.21 -23.32 15.36
CA GLU A 119 12.86 -22.33 14.52
C GLU A 119 12.09 -22.12 13.22
N ILE A 120 11.60 -23.20 12.62
CA ILE A 120 10.82 -23.07 11.40
C ILE A 120 9.57 -22.25 11.66
N ASN A 121 8.88 -22.52 12.77
CA ASN A 121 7.67 -21.77 13.08
C ASN A 121 7.94 -20.28 13.20
N LEU A 122 9.05 -19.91 13.86
CA LEU A 122 9.36 -18.50 14.05
C LEU A 122 9.61 -17.82 12.70
N HIS A 123 10.25 -18.52 11.77
CA HIS A 123 10.46 -17.96 10.44
C HIS A 123 9.17 -17.88 9.66
N ILE A 124 8.30 -18.87 9.81
CA ILE A 124 6.99 -18.81 9.15
C ILE A 124 6.20 -17.61 9.65
N ILE A 125 6.25 -17.33 10.95
CA ILE A 125 5.53 -16.20 11.49
C ILE A 125 6.08 -14.89 10.93
N GLU A 126 7.40 -14.74 10.93
CA GLU A 126 8.02 -13.58 10.30
C GLU A 126 7.57 -13.44 8.86
N GLN A 127 7.57 -14.55 8.12
CA GLN A 127 7.10 -14.54 6.74
C GLN A 127 5.62 -14.21 6.68
N GLN A 128 4.84 -14.74 7.63
CA GLN A 128 3.41 -14.47 7.66
C GLN A 128 3.14 -12.98 7.79
N PHE A 129 3.93 -12.28 8.61
CA PHE A 129 3.75 -10.85 8.74
C PHE A 129 4.09 -10.14 7.44
N PHE A 130 5.19 -10.53 6.79
CA PHE A 130 5.53 -9.95 5.50
C PHE A 130 4.36 -10.07 4.53
N LEU A 131 3.77 -11.27 4.44
CA LEU A 131 2.65 -11.47 3.54
C LEU A 131 1.51 -10.52 3.85
N LYS A 132 1.24 -10.30 5.15
CA LYS A 132 0.18 -9.37 5.54
C LYS A 132 0.52 -7.95 5.13
N TYR A 133 1.72 -7.48 5.48
CA TYR A 133 2.11 -6.11 5.15
C TYR A 133 1.95 -5.83 3.67
N HIS A 134 2.13 -6.83 2.83
CA HIS A 134 2.04 -6.68 1.38
C HIS A 134 0.72 -7.18 0.80
N GLY A 135 -0.19 -7.64 1.64
CA GLY A 135 -1.51 -8.04 1.17
C GLY A 135 -1.50 -9.20 0.20
N ILE A 136 -0.62 -10.17 0.42
CA ILE A 136 -0.54 -11.33 -0.46
C ILE A 136 -0.66 -12.61 0.37
N GLN A 137 -1.11 -12.48 1.62
CA GLN A 137 -1.19 -13.65 2.48
C GLN A 137 -2.16 -14.69 1.93
N GLU A 138 -3.19 -14.26 1.21
CA GLU A 138 -4.21 -15.19 0.74
C GLU A 138 -3.67 -16.19 -0.27
N HIS A 139 -2.55 -15.87 -0.94
CA HIS A 139 -2.02 -16.72 -1.99
C HIS A 139 -1.11 -17.83 -1.48
N PHE A 140 -0.76 -17.85 -0.20
CA PHE A 140 0.20 -18.78 0.34
C PHE A 140 -0.36 -19.41 1.61
N VAL A 141 -0.33 -20.73 1.67
CA VAL A 141 -0.88 -21.50 2.78
C VAL A 141 0.28 -21.84 3.71
N LEU A 142 0.37 -21.13 4.82
CA LEU A 142 1.36 -21.38 5.85
C LEU A 142 0.69 -22.04 7.05
N GLY A 143 1.42 -22.15 8.15
CA GLY A 143 0.92 -22.83 9.33
C GLY A 143 2.03 -22.99 10.34
N LEU A 144 1.77 -23.82 11.35
CA LEU A 144 2.73 -24.02 12.42
C LEU A 144 2.82 -25.49 12.79
N TRP A 145 4.03 -25.94 13.10
CA TRP A 145 4.26 -27.29 13.59
C TRP A 145 3.90 -27.37 15.06
N ASN A 146 3.04 -28.32 15.40
CA ASN A 146 2.66 -28.58 16.78
C ASN A 146 3.68 -29.53 17.39
N ILE A 147 4.36 -29.08 18.44
CA ILE A 147 5.47 -29.82 19.03
C ILE A 147 5.20 -30.16 20.50
N LYS A 148 3.94 -30.14 20.94
CA LYS A 148 3.65 -30.43 22.34
C LYS A 148 3.96 -31.88 22.67
N ASN A 149 3.83 -32.78 21.70
CA ASN A 149 4.32 -34.14 21.80
C ASN A 149 5.50 -34.28 20.83
N GLU A 150 6.71 -34.31 21.37
CA GLU A 150 7.89 -34.35 20.51
C GLU A 150 7.93 -35.59 19.63
N GLU A 151 7.25 -36.67 20.04
CA GLU A 151 7.19 -37.90 19.25
C GLU A 151 5.95 -37.97 18.35
N ASN A 152 5.13 -36.92 18.31
CA ASN A 152 3.97 -36.84 17.41
C ASN A 152 3.86 -35.39 16.94
N VAL A 153 4.68 -35.03 15.95
CA VAL A 153 4.76 -33.67 15.45
C VAL A 153 4.02 -33.59 14.13
N TYR A 154 3.00 -32.74 14.08
CA TYR A 154 2.19 -32.53 12.88
C TYR A 154 2.11 -31.04 12.60
N PHE A 155 1.64 -30.70 11.41
CA PHE A 155 1.64 -29.33 10.91
C PHE A 155 0.20 -28.91 10.66
N TYR A 156 -0.26 -27.90 11.40
CA TYR A 156 -1.59 -27.36 11.22
C TYR A 156 -1.57 -26.23 10.20
N MET A 157 -2.65 -26.12 9.45
CA MET A 157 -2.77 -25.14 8.37
C MET A 157 -4.24 -25.04 7.96
N PRO A 158 -4.65 -23.93 7.39
CA PRO A 158 -6.03 -23.82 6.90
C PRO A 158 -6.33 -24.89 5.87
N LYS A 159 -7.54 -25.44 5.94
CA LYS A 159 -8.06 -26.30 4.89
C LYS A 159 -8.52 -25.43 3.73
N ILE A 160 -8.18 -25.85 2.50
CA ILE A 160 -8.65 -25.15 1.31
C ILE A 160 -9.23 -26.18 0.35
N ASN A 161 -10.32 -25.79 -0.32
CA ASN A 161 -11.03 -26.67 -1.25
C ASN A 161 -10.47 -26.45 -2.64
N ALA A 162 -9.55 -27.32 -3.06
CA ALA A 162 -8.94 -27.18 -4.38
C ALA A 162 -9.99 -27.34 -5.47
N ILE A 163 -9.64 -26.87 -6.66
CA ILE A 163 -10.53 -26.91 -7.83
C ILE A 163 -9.63 -27.11 -9.04
N PRO A 164 -9.93 -28.09 -9.92
CA PRO A 164 -9.04 -28.35 -11.06
C PRO A 164 -8.70 -27.07 -11.82
N ILE A 165 -7.43 -26.69 -11.79
CA ILE A 165 -7.02 -25.40 -12.33
C ILE A 165 -7.07 -25.44 -13.84
N ASN A 166 -7.68 -24.41 -14.42
CA ASN A 166 -7.71 -24.20 -15.87
C ASN A 166 -6.71 -23.11 -16.24
N LYS A 167 -6.47 -22.96 -17.53
CA LYS A 167 -5.56 -21.93 -18.02
C LYS A 167 -6.25 -20.88 -18.88
N LYS A 168 -7.25 -21.27 -19.65
CA LYS A 168 -7.89 -20.31 -20.56
C LYS A 168 -8.74 -19.30 -19.78
N ILE A 169 -9.41 -19.75 -18.72
CA ILE A 169 -10.31 -18.87 -17.98
C ILE A 169 -9.73 -18.39 -16.65
N ASP A 170 -8.77 -19.10 -16.09
CA ASP A 170 -8.16 -18.72 -14.81
C ASP A 170 -6.97 -17.79 -14.97
N GLN A 171 -6.68 -17.33 -16.19
CA GLN A 171 -5.48 -16.52 -16.41
C GLN A 171 -5.39 -15.32 -15.46
N PRO A 172 -6.45 -14.52 -15.26
CA PRO A 172 -6.32 -13.39 -14.32
C PRO A 172 -5.92 -13.84 -12.92
N LYS A 173 -6.51 -14.92 -12.43
CA LYS A 173 -6.13 -15.43 -11.10
C LYS A 173 -4.69 -15.91 -11.09
N ILE A 174 -4.26 -16.59 -12.16
CA ILE A 174 -2.88 -17.07 -12.24
C ILE A 174 -1.92 -15.89 -12.34
N GLU A 175 -2.30 -14.85 -13.08
CA GLU A 175 -1.44 -13.66 -13.16
C GLU A 175 -1.36 -12.95 -11.82
N GLU A 176 -2.45 -12.96 -11.06
CA GLU A 176 -2.44 -12.32 -9.75
C GLU A 176 -1.54 -13.08 -8.79
N PHE A 177 -1.52 -14.42 -8.89
CA PHE A 177 -0.60 -15.19 -8.07
C PHE A 177 0.84 -14.94 -8.48
N VAL A 178 1.13 -14.93 -9.79
CA VAL A 178 2.50 -14.74 -10.25
C VAL A 178 3.03 -13.39 -9.79
N LEU A 179 2.21 -12.33 -9.90
CA LEU A 179 2.63 -11.02 -9.43
C LEU A 179 2.81 -10.99 -7.91
N ALA A 180 2.04 -11.78 -7.17
CA ALA A 180 2.27 -11.91 -5.74
C ALA A 180 3.58 -12.65 -5.47
N LEU A 181 3.86 -13.70 -6.24
CA LEU A 181 5.10 -14.46 -6.06
C LEU A 181 6.31 -13.62 -6.43
N LYS A 182 6.18 -12.76 -7.44
CA LYS A 182 7.25 -11.84 -7.79
C LYS A 182 7.53 -10.89 -6.63
N GLU A 183 6.47 -10.31 -6.05
CA GLU A 183 6.66 -9.46 -4.88
C GLU A 183 7.36 -10.21 -3.77
N LEU A 184 7.12 -11.52 -3.68
CA LEU A 184 7.84 -12.34 -2.71
C LEU A 184 9.30 -12.52 -3.13
N ASN A 185 9.54 -12.81 -4.41
CA ASN A 185 10.91 -13.03 -4.87
C ASN A 185 11.75 -11.77 -4.74
N ASP A 186 11.16 -10.60 -5.04
CA ASP A 186 11.90 -9.35 -4.94
C ASP A 186 12.37 -9.08 -3.53
N ALA A 187 11.70 -9.64 -2.51
CA ALA A 187 12.07 -9.44 -1.12
C ALA A 187 13.02 -10.51 -0.60
N GLY A 188 13.52 -11.38 -1.46
CA GLY A 188 14.48 -12.38 -1.05
C GLY A 188 13.90 -13.72 -0.66
N TYR A 189 12.58 -13.85 -0.64
CA TYR A 189 11.92 -15.11 -0.35
C TYR A 189 11.56 -15.82 -1.65
N TRP A 190 11.63 -17.14 -1.65
CA TRP A 190 11.13 -17.92 -2.77
C TRP A 190 10.58 -19.25 -2.26
N HIS A 191 9.83 -19.92 -3.12
CA HIS A 191 9.15 -21.15 -2.77
C HIS A 191 10.13 -22.31 -2.79
N PRO A 192 10.12 -23.18 -1.78
CA PRO A 192 11.12 -24.27 -1.76
C PRO A 192 10.85 -25.37 -2.78
N ASP A 193 9.62 -25.52 -3.29
CA ASP A 193 9.28 -26.59 -4.21
C ASP A 193 8.15 -26.09 -5.13
N LEU A 194 8.51 -25.22 -6.07
CA LEU A 194 7.56 -24.75 -7.07
C LEU A 194 8.24 -24.59 -8.42
N ALA A 195 9.42 -23.97 -8.43
CA ALA A 195 10.20 -23.78 -9.65
C ALA A 195 11.64 -23.52 -9.26
N ASN A 196 12.40 -24.58 -9.02
CA ASN A 196 13.77 -24.41 -8.56
C ASN A 196 14.66 -23.84 -9.64
N ASN A 197 14.32 -24.06 -10.90
CA ASN A 197 15.13 -23.61 -12.02
C ASN A 197 14.26 -23.67 -13.28
N PRO A 198 14.72 -23.09 -14.39
CA PRO A 198 13.90 -23.10 -15.60
C PRO A 198 13.51 -24.49 -16.07
N TYR A 199 14.15 -25.55 -15.59
CA TYR A 199 13.85 -26.91 -16.02
C TYR A 199 13.11 -27.73 -14.98
N HIS A 200 12.76 -27.15 -13.84
CA HIS A 200 12.00 -27.85 -12.80
C HIS A 200 10.76 -27.04 -12.47
N ILE A 201 9.62 -27.73 -12.43
CA ILE A 201 8.36 -27.11 -12.03
C ILE A 201 7.53 -28.18 -11.34
N SER A 202 6.84 -27.79 -10.27
CA SER A 202 5.97 -28.70 -9.51
C SER A 202 4.56 -28.10 -9.54
N PRO A 203 3.82 -28.30 -10.64
CA PRO A 203 2.48 -27.70 -10.73
C PRO A 203 1.53 -28.19 -9.66
N GLN A 204 1.75 -29.39 -9.10
CA GLN A 204 0.86 -29.89 -8.07
C GLN A 204 0.78 -28.95 -6.88
N ASN A 205 1.78 -28.10 -6.68
CA ASN A 205 1.78 -27.13 -5.60
C ASN A 205 1.09 -25.83 -5.97
N LEU A 206 0.44 -25.76 -7.13
CA LEU A 206 -0.41 -24.64 -7.48
C LEU A 206 -1.87 -25.06 -7.36
N ILE A 207 -2.59 -24.40 -6.46
CA ILE A 207 -3.98 -24.73 -6.16
C ILE A 207 -4.85 -23.58 -6.61
N ALA A 208 -5.95 -23.90 -7.28
CA ALA A 208 -6.94 -22.92 -7.69
C ALA A 208 -8.19 -23.12 -6.83
N THR A 209 -8.72 -22.04 -6.30
CA THR A 209 -9.99 -22.04 -5.58
C THR A 209 -11.01 -21.26 -6.40
N GLU A 210 -12.13 -20.93 -5.76
CA GLU A 210 -13.19 -20.19 -6.45
C GLU A 210 -12.70 -18.81 -6.88
N GLU A 211 -12.00 -18.10 -5.99
CA GLU A 211 -11.68 -16.70 -6.22
C GLU A 211 -10.25 -16.46 -6.67
N MET A 212 -9.32 -17.39 -6.42
CA MET A 212 -7.91 -17.10 -6.64
C MET A 212 -7.12 -18.38 -6.84
N VAL A 213 -5.81 -18.21 -7.05
CA VAL A 213 -4.84 -19.30 -7.09
C VAL A 213 -3.98 -19.18 -5.84
N LYS A 214 -3.74 -20.31 -5.18
CA LYS A 214 -2.86 -20.38 -4.02
C LYS A 214 -1.71 -21.33 -4.33
N THR A 215 -0.75 -21.38 -3.42
CA THR A 215 0.32 -22.36 -3.50
C THR A 215 0.51 -23.00 -2.14
N ILE A 216 0.79 -24.30 -2.14
CA ILE A 216 0.92 -25.07 -0.91
C ILE A 216 2.32 -25.69 -0.83
N ASP A 217 2.50 -26.62 0.11
CA ASP A 217 3.79 -27.27 0.35
C ASP A 217 4.80 -26.25 0.88
N LEU A 218 4.39 -25.50 1.90
CA LEU A 218 5.23 -24.50 2.54
C LEU A 218 5.41 -24.80 4.03
N ASP A 219 5.30 -26.08 4.42
CA ASP A 219 5.43 -26.41 5.83
C ASP A 219 6.81 -26.05 6.37
N GLY A 220 7.79 -25.84 5.51
CA GLY A 220 9.11 -25.40 5.93
C GLY A 220 9.33 -23.91 5.78
N GLY A 221 8.32 -23.15 5.41
CA GLY A 221 8.49 -21.73 5.16
C GLY A 221 9.12 -21.49 3.80
N PHE A 222 9.35 -20.21 3.52
CA PHE A 222 10.02 -19.84 2.28
C PHE A 222 11.52 -20.04 2.42
N ARG A 223 12.18 -20.17 1.28
CA ARG A 223 13.63 -20.18 1.23
C ARG A 223 14.14 -18.74 1.15
N TYR A 224 15.36 -18.54 1.63
CA TYR A 224 16.00 -17.24 1.60
C TYR A 224 17.51 -17.44 1.69
N ASP A 225 18.24 -16.40 1.32
CA ASP A 225 19.69 -16.47 1.39
C ASP A 225 20.15 -16.35 2.85
N LYS A 226 21.23 -17.07 3.15
CA LYS A 226 21.81 -17.06 4.49
C LYS A 226 23.26 -16.57 4.51
N GLY A 227 23.73 -16.00 3.40
CA GLY A 227 25.10 -15.53 3.32
C GLY A 227 26.07 -16.53 2.75
N ARG A 228 25.63 -17.74 2.40
CA ARG A 228 26.52 -18.73 1.80
C ARG A 228 26.82 -18.35 0.36
N VAL A 229 28.02 -18.69 -0.09
CA VAL A 229 28.54 -18.25 -1.38
C VAL A 229 28.96 -19.42 -2.28
N ASP A 230 28.72 -20.65 -1.84
CA ASP A 230 29.06 -21.80 -2.69
C ASP A 230 28.27 -21.73 -3.99
N GLU A 231 28.70 -22.54 -4.96
CA GLU A 231 28.09 -22.50 -6.29
C GLU A 231 26.61 -22.79 -6.23
N LEU A 232 26.21 -23.79 -5.43
CA LEU A 232 24.81 -24.15 -5.34
C LEU A 232 23.97 -23.02 -4.75
N SER A 233 24.49 -22.36 -3.69
CA SER A 233 23.72 -21.32 -3.03
C SER A 233 23.64 -20.05 -3.87
N ARG A 234 24.68 -19.76 -4.65
CA ARG A 234 24.65 -18.58 -5.52
C ARG A 234 23.68 -18.77 -6.68
N LYS A 235 23.73 -19.93 -7.32
CA LYS A 235 22.75 -20.24 -8.37
C LYS A 235 21.35 -20.23 -7.81
N SER A 236 21.15 -20.83 -6.63
CA SER A 236 19.83 -20.89 -6.03
C SER A 236 19.27 -19.50 -5.76
N LEU A 237 20.14 -18.55 -5.42
CA LEU A 237 19.67 -17.20 -5.14
C LEU A 237 19.27 -16.48 -6.42
N VAL A 238 19.92 -16.79 -7.54
CA VAL A 238 19.49 -16.24 -8.82
C VAL A 238 18.15 -16.81 -9.23
N TYR A 239 18.02 -18.14 -9.21
CA TYR A 239 16.76 -18.78 -9.55
C TYR A 239 15.65 -18.33 -8.61
N GLY A 240 15.99 -18.03 -7.35
CA GLY A 240 14.98 -17.62 -6.39
C GLY A 240 14.34 -16.30 -6.73
N LYS A 241 15.09 -15.39 -7.35
CA LYS A 241 14.56 -14.07 -7.67
C LYS A 241 13.78 -14.06 -8.98
N ASP A 242 14.04 -15.01 -9.86
CA ASP A 242 13.29 -15.14 -11.11
C ASP A 242 12.30 -16.31 -11.06
N GLN A 243 12.05 -16.86 -9.88
CA GLN A 243 11.12 -17.98 -9.76
C GLN A 243 9.77 -17.68 -10.39
N TRP A 244 9.24 -16.49 -10.11
CA TRP A 244 7.94 -16.10 -10.66
C TRP A 244 7.93 -16.20 -12.18
N LEU A 245 9.05 -15.88 -12.82
CA LEU A 245 9.12 -15.90 -14.27
C LEU A 245 9.04 -17.31 -14.80
N TYR A 246 9.67 -18.26 -14.10
CA TYR A 246 9.64 -19.65 -14.56
C TYR A 246 8.23 -20.22 -14.51
N VAL A 247 7.50 -19.95 -13.42
CA VAL A 247 6.14 -20.44 -13.29
C VAL A 247 5.26 -19.90 -14.42
N TYR A 248 5.38 -18.61 -14.70
CA TYR A 248 4.52 -18.00 -15.71
C TYR A 248 4.82 -18.58 -17.08
N ASN A 249 6.10 -18.64 -17.45
CA ASN A 249 6.46 -19.14 -18.77
C ASN A 249 6.21 -20.64 -18.92
N PHE A 250 6.13 -21.38 -17.82
CA PHE A 250 5.75 -22.79 -17.92
C PHE A 250 4.28 -22.95 -18.28
N ILE A 251 3.44 -22.05 -17.78
CA ILE A 251 2.00 -22.11 -18.06
C ILE A 251 1.68 -21.41 -19.37
N TYR A 252 2.30 -20.24 -19.62
CA TYR A 252 2.05 -19.44 -20.82
C TYR A 252 3.36 -19.15 -21.52
N PRO A 253 3.91 -20.12 -22.24
CA PRO A 253 5.18 -19.90 -22.96
C PRO A 253 4.95 -19.18 -24.26
N PRO A 254 5.95 -18.43 -24.74
CA PRO A 254 5.77 -17.69 -26.00
C PRO A 254 5.77 -18.61 -27.21
N THR A 255 5.33 -18.07 -28.33
CA THR A 255 5.26 -18.80 -29.58
C THR A 255 5.79 -17.93 -30.71
N ASP A 256 5.94 -18.55 -31.88
CA ASP A 256 6.38 -17.87 -33.08
C ASP A 256 5.17 -17.59 -33.98
N GLU A 257 5.44 -17.18 -35.23
CA GLU A 257 4.33 -16.88 -36.14
C GLU A 257 3.57 -18.15 -36.53
N GLU A 258 4.25 -19.30 -36.52
CA GLU A 258 3.58 -20.58 -36.72
C GLU A 258 2.85 -21.04 -35.47
N ASP A 259 2.87 -20.25 -34.40
CA ASP A 259 2.25 -20.62 -33.13
C ASP A 259 2.85 -21.91 -32.57
N HIS A 260 4.16 -22.08 -32.78
CA HIS A 260 4.91 -23.19 -32.21
C HIS A 260 5.66 -22.71 -30.96
N ARG A 261 5.76 -23.60 -29.98
CA ARG A 261 6.31 -23.24 -28.68
C ARG A 261 7.77 -22.77 -28.76
N ILE A 262 8.00 -21.51 -28.46
CA ILE A 262 9.36 -21.00 -28.31
C ILE A 262 9.91 -21.48 -26.98
N ASP A 263 11.16 -21.93 -26.97
CA ASP A 263 11.80 -22.43 -25.75
C ASP A 263 12.43 -21.25 -25.03
N TRP A 264 11.73 -20.77 -23.99
CA TRP A 264 12.22 -19.64 -23.21
C TRP A 264 13.40 -20.00 -22.33
N ARG A 265 13.58 -21.28 -22.00
CA ARG A 265 14.65 -21.66 -21.09
C ARG A 265 16.02 -21.30 -21.65
N VAL A 266 16.22 -21.50 -22.94
CA VAL A 266 17.53 -21.38 -23.57
C VAL A 266 18.05 -19.95 -23.52
N PRO A 267 17.31 -18.96 -24.01
CA PRO A 267 17.82 -17.58 -23.92
C PRO A 267 18.00 -17.12 -22.48
N ILE A 268 17.24 -17.68 -21.53
CA ILE A 268 17.40 -17.29 -20.13
C ILE A 268 18.68 -17.89 -19.57
N GLU A 269 18.88 -19.20 -19.73
CA GLU A 269 20.10 -19.83 -19.26
C GLU A 269 21.33 -19.20 -19.89
N LYS A 270 21.27 -18.94 -21.20
CA LYS A 270 22.39 -18.30 -21.88
C LYS A 270 22.78 -16.99 -21.20
N TRP A 271 21.78 -16.19 -20.83
CA TRP A 271 22.06 -14.93 -20.13
C TRP A 271 22.67 -15.20 -18.77
N TYR A 272 22.19 -16.23 -18.07
CA TYR A 272 22.72 -16.56 -16.75
C TYR A 272 24.20 -16.92 -16.85
N GLU A 273 24.56 -17.77 -17.80
CA GLU A 273 25.95 -18.19 -17.95
C GLU A 273 26.86 -17.05 -18.38
N ASN A 274 26.29 -15.93 -18.85
CA ASN A 274 27.06 -14.77 -19.25
C ASN A 274 26.77 -13.56 -18.37
N ASN A 275 26.12 -13.75 -17.21
CA ASN A 275 25.90 -12.70 -16.22
C ASN A 275 25.86 -13.38 -14.86
N ARG A 276 27.02 -13.82 -14.39
CA ARG A 276 27.09 -14.65 -13.20
C ARG A 276 26.55 -13.89 -11.99
N ASP A 277 25.85 -14.62 -11.12
CA ASP A 277 25.31 -14.07 -9.88
C ASP A 277 24.44 -12.84 -10.12
N GLU A 278 23.71 -12.82 -11.25
CA GLU A 278 22.78 -11.75 -11.56
C GLU A 278 21.51 -12.35 -12.13
N SER A 279 20.37 -11.86 -11.66
CA SER A 279 19.07 -12.33 -12.11
C SER A 279 18.46 -11.34 -13.10
N LEU A 280 17.42 -11.81 -13.78
CA LEU A 280 16.72 -10.96 -14.75
C LEU A 280 15.80 -9.95 -14.07
N SER A 281 15.21 -10.32 -12.93
CA SER A 281 14.34 -9.39 -12.22
C SER A 281 15.11 -8.16 -11.74
N ASP A 282 16.37 -8.35 -11.33
CA ASP A 282 17.19 -7.24 -10.86
C ASP A 282 17.61 -6.31 -11.98
N ASN A 283 17.42 -6.70 -13.24
CA ASN A 283 17.79 -5.88 -14.40
C ASN A 283 16.57 -5.72 -15.29
N PRO A 284 15.64 -4.84 -14.92
CA PRO A 284 14.38 -4.75 -15.68
C PRO A 284 14.57 -4.39 -17.13
N HIS A 285 15.72 -3.82 -17.50
CA HIS A 285 15.94 -3.47 -18.90
C HIS A 285 16.09 -4.71 -19.77
N THR A 286 16.57 -5.82 -19.20
CA THR A 286 16.70 -7.05 -19.97
C THR A 286 15.36 -7.78 -20.09
N LEU A 287 14.51 -7.72 -19.06
CA LEU A 287 13.19 -8.34 -19.14
C LEU A 287 12.41 -7.78 -20.33
N LEU A 288 12.21 -6.46 -20.34
CA LEU A 288 11.48 -5.84 -21.45
C LEU A 288 12.11 -6.18 -22.79
N ARG A 289 13.44 -6.33 -22.83
CA ARG A 289 14.11 -6.67 -24.09
C ARG A 289 13.73 -8.08 -24.54
N PHE A 290 13.87 -9.06 -23.66
CA PHE A 290 13.44 -10.42 -23.99
C PHE A 290 11.95 -10.48 -24.25
N TYR A 291 11.18 -9.56 -23.65
CA TYR A 291 9.74 -9.55 -23.85
C TYR A 291 9.37 -9.04 -25.25
N HIS A 292 9.90 -7.87 -25.62
CA HIS A 292 9.64 -7.35 -26.96
C HIS A 292 10.18 -8.29 -28.02
N GLU A 293 11.31 -8.95 -27.74
CA GLU A 293 11.88 -9.90 -28.69
C GLU A 293 11.06 -11.19 -28.81
N GLY A 294 10.08 -11.40 -27.94
CA GLY A 294 9.23 -12.56 -28.05
C GLY A 294 9.81 -13.85 -27.52
N LEU A 295 10.84 -13.76 -26.65
CA LEU A 295 11.47 -14.95 -26.10
C LEU A 295 10.93 -15.35 -24.74
N ILE A 296 10.31 -14.42 -24.01
CA ILE A 296 9.67 -14.73 -22.74
C ILE A 296 8.28 -14.09 -22.73
N SER A 297 7.42 -14.64 -21.89
CA SER A 297 6.11 -14.06 -21.63
C SER A 297 6.13 -13.35 -20.29
N LEU A 298 5.34 -12.28 -20.19
CA LEU A 298 5.22 -11.54 -18.95
C LEU A 298 3.74 -11.32 -18.65
N PRO A 299 3.38 -11.21 -17.37
CA PRO A 299 1.99 -10.84 -17.04
C PRO A 299 1.63 -9.51 -17.69
N LYS A 300 0.32 -9.29 -17.82
CA LYS A 300 -0.18 -8.09 -18.48
C LYS A 300 0.24 -6.84 -17.70
N LYS A 301 0.01 -6.83 -16.38
CA LYS A 301 0.23 -5.64 -15.58
C LYS A 301 1.72 -5.33 -15.45
N LEU A 302 2.57 -6.36 -15.41
CA LEU A 302 4.00 -6.12 -15.21
C LEU A 302 4.59 -5.32 -16.37
N ALA A 303 4.30 -5.73 -17.60
CA ALA A 303 4.85 -5.03 -18.75
C ALA A 303 4.38 -3.58 -18.78
N HIS A 304 3.13 -3.34 -18.38
CA HIS A 304 2.61 -1.98 -18.37
C HIS A 304 3.26 -1.13 -17.27
N ASP A 305 3.49 -1.73 -16.10
CA ASP A 305 4.12 -1.00 -15.01
C ASP A 305 5.60 -0.74 -15.31
N LEU A 306 6.26 -1.65 -16.03
CA LEU A 306 7.64 -1.38 -16.44
C LEU A 306 7.69 -0.38 -17.57
N HIS A 307 6.72 -0.44 -18.50
CA HIS A 307 6.73 0.48 -19.65
C HIS A 307 6.52 1.91 -19.20
N GLU A 308 5.45 2.17 -18.45
CA GLU A 308 5.18 3.53 -18.00
C GLU A 308 6.26 4.03 -17.04
N THR A 309 6.70 3.17 -16.12
CA THR A 309 7.71 3.55 -15.14
C THR A 309 9.08 3.02 -15.54
N LYS B 16 46.47 25.02 -5.29
CA LYS B 16 45.94 26.33 -4.94
C LYS B 16 44.81 26.73 -5.88
N ILE B 17 43.86 27.50 -5.33
CA ILE B 17 42.71 27.94 -6.11
C ILE B 17 43.17 28.77 -7.31
N ASN B 18 44.25 29.54 -7.15
CA ASN B 18 44.73 30.37 -8.26
C ASN B 18 45.45 29.53 -9.30
N LYS B 19 46.20 28.52 -8.87
CA LYS B 19 46.92 27.67 -9.81
C LYS B 19 45.95 26.87 -10.67
N ILE B 20 44.86 26.38 -10.09
CA ILE B 20 43.94 25.52 -10.83
C ILE B 20 43.28 26.29 -11.97
N VAL B 21 42.78 27.50 -11.69
CA VAL B 21 42.10 28.28 -12.72
C VAL B 21 43.03 28.73 -13.83
N ASN B 22 44.34 28.62 -13.63
CA ASN B 22 45.31 28.85 -14.69
C ASN B 22 45.62 27.58 -15.48
N GLY B 23 45.00 26.47 -15.15
CA GLY B 23 45.14 25.25 -15.92
C GLY B 23 44.24 25.25 -17.14
N THR B 24 44.25 24.11 -17.83
CA THR B 24 43.45 23.96 -19.04
C THR B 24 41.97 23.94 -18.67
N ASP B 25 41.20 24.85 -19.26
CA ASP B 25 39.76 24.89 -19.03
C ASP B 25 39.08 23.86 -19.91
N LEU B 26 38.25 23.01 -19.29
CA LEU B 26 37.55 21.94 -19.98
C LEU B 26 36.03 22.04 -19.80
N THR B 27 35.54 23.18 -19.32
CA THR B 27 34.12 23.30 -19.02
C THR B 27 33.21 22.96 -20.19
N PRO B 28 33.50 23.38 -21.43
CA PRO B 28 32.60 23.02 -22.53
C PRO B 28 32.48 21.51 -22.75
N HIS B 29 33.45 20.71 -22.31
CA HIS B 29 33.39 19.27 -22.50
C HIS B 29 32.54 18.56 -21.47
N TYR B 30 31.96 19.30 -20.52
CA TYR B 30 31.20 18.66 -19.45
C TYR B 30 29.96 19.41 -19.00
N LEU B 31 29.90 20.74 -19.12
CA LEU B 31 28.75 21.52 -18.70
C LEU B 31 28.35 22.44 -19.84
N SER B 32 27.27 23.21 -19.63
CA SER B 32 26.62 23.97 -20.69
C SER B 32 26.93 25.46 -20.54
N GLU B 33 27.28 26.10 -21.66
CA GLU B 33 27.56 27.53 -21.62
C GLU B 33 26.27 28.32 -21.35
N PRO B 34 26.35 29.41 -20.57
CA PRO B 34 27.46 29.79 -19.68
C PRO B 34 27.18 29.14 -18.33
N ASN B 35 28.17 28.63 -17.62
CA ASN B 35 27.87 28.03 -16.32
C ASN B 35 27.84 29.11 -15.26
N LYS B 36 26.75 29.16 -14.51
CA LYS B 36 26.58 30.16 -13.47
C LYS B 36 27.55 29.96 -12.31
N GLU B 37 27.89 28.71 -12.02
CA GLU B 37 28.58 28.41 -10.79
C GLU B 37 29.90 27.65 -10.97
N PHE B 38 29.93 26.62 -11.81
CA PHE B 38 31.07 25.72 -11.81
C PHE B 38 31.82 25.75 -13.15
N LYS B 39 33.07 25.28 -13.10
CA LYS B 39 33.91 25.13 -14.26
C LYS B 39 34.89 23.99 -13.99
N ILE B 40 35.43 23.40 -15.05
CA ILE B 40 36.33 22.26 -14.95
C ILE B 40 37.71 22.69 -15.45
N TYR B 41 38.74 22.33 -14.68
CA TYR B 41 40.11 22.70 -14.99
C TYR B 41 41.04 21.50 -14.80
N ARG B 42 41.98 21.34 -15.73
CA ARG B 42 43.06 20.38 -15.59
C ARG B 42 44.32 21.12 -15.19
N TYR B 43 44.99 20.65 -14.14
CA TYR B 43 46.18 21.31 -13.63
C TYR B 43 47.11 20.29 -12.99
N ASN B 44 48.33 20.21 -13.52
CA ASN B 44 49.39 19.36 -12.94
C ASN B 44 48.91 17.92 -12.82
N ASN B 45 48.31 17.41 -13.91
CA ASN B 45 47.86 16.02 -14.00
C ASN B 45 46.72 15.74 -13.02
N GLU B 46 45.83 16.71 -12.84
CA GLU B 46 44.63 16.54 -12.02
C GLU B 46 43.50 17.34 -12.68
N VAL B 47 42.29 16.82 -12.59
CA VAL B 47 41.11 17.52 -13.07
C VAL B 47 40.23 17.87 -11.88
N TYR B 48 39.88 19.15 -11.76
CA TYR B 48 39.09 19.65 -10.64
C TYR B 48 37.79 20.26 -11.14
N ALA B 49 36.85 20.44 -10.22
CA ALA B 49 35.64 21.21 -10.44
C ALA B 49 35.67 22.41 -9.50
N VAL B 50 35.67 23.61 -10.07
CA VAL B 50 35.81 24.85 -9.31
C VAL B 50 34.46 25.54 -9.25
N ARG B 51 34.04 25.92 -8.04
CA ARG B 51 32.81 26.66 -7.84
C ARG B 51 33.14 28.15 -7.69
N PHE B 52 32.26 28.99 -8.24
CA PHE B 52 32.48 30.43 -8.28
C PHE B 52 31.39 31.16 -7.51
N GLU B 53 31.71 32.38 -7.11
CA GLU B 53 30.77 33.24 -6.39
C GLU B 53 31.10 34.68 -6.75
N ASN B 54 30.17 35.37 -7.41
CA ASN B 54 30.39 36.74 -7.86
C ASN B 54 31.64 36.82 -8.75
N ASP B 55 31.81 35.81 -9.61
CA ASP B 55 32.93 35.75 -10.54
C ASP B 55 34.27 35.70 -9.81
N GLU B 56 34.34 34.84 -8.79
CA GLU B 56 35.55 34.67 -8.00
C GLU B 56 35.69 33.20 -7.65
N PRO B 57 36.84 32.57 -7.95
CA PRO B 57 37.01 31.16 -7.56
C PRO B 57 36.99 31.00 -6.05
N MET B 58 35.97 30.30 -5.53
CA MET B 58 35.84 30.09 -4.09
C MET B 58 36.50 28.79 -3.64
N ASP B 59 36.07 27.66 -4.20
CA ASP B 59 36.51 26.36 -3.74
C ASP B 59 36.70 25.43 -4.93
N TYR B 60 37.35 24.30 -4.67
CA TYR B 60 37.61 23.30 -5.68
C TYR B 60 37.46 21.91 -5.08
N VAL B 61 37.20 20.92 -5.94
CA VAL B 61 37.16 19.52 -5.57
C VAL B 61 37.92 18.72 -6.62
N LEU B 62 38.64 17.70 -6.18
CA LEU B 62 39.38 16.84 -7.09
C LEU B 62 38.44 15.82 -7.70
N MET B 63 38.44 15.71 -9.04
CA MET B 63 37.60 14.75 -9.76
C MET B 63 38.35 13.46 -10.06
N TRP B 64 39.51 13.56 -10.71
CA TRP B 64 40.31 12.38 -11.05
C TRP B 64 41.68 12.84 -11.51
N LYS B 65 42.58 11.88 -11.71
CA LYS B 65 43.94 12.13 -12.14
C LYS B 65 44.05 11.98 -13.65
N SER B 66 44.96 12.74 -14.25
CA SER B 66 45.09 12.81 -15.70
C SER B 66 46.48 12.38 -16.15
N HIS B 67 46.58 12.06 -17.45
CA HIS B 67 47.81 11.55 -18.05
C HIS B 67 48.08 12.24 -19.38
N LYS B 68 47.77 13.54 -19.48
CA LYS B 68 48.03 14.27 -20.73
C LYS B 68 49.42 14.89 -20.69
N ASP B 84 38.78 -0.11 -27.99
CA ASP B 84 39.22 -1.45 -27.64
C ASP B 84 40.18 -1.42 -26.45
N TYR B 85 39.75 -0.76 -25.37
CA TYR B 85 40.51 -0.75 -24.14
C TYR B 85 40.25 -2.05 -23.37
N LYS B 86 40.90 -2.19 -22.21
CA LYS B 86 40.59 -3.31 -21.33
C LYS B 86 39.18 -3.14 -20.80
N GLU B 87 38.28 -4.05 -21.18
CA GLU B 87 36.92 -4.01 -20.65
C GLU B 87 36.96 -4.31 -19.16
N LEU B 88 36.36 -3.43 -18.36
CA LEU B 88 36.48 -3.47 -16.92
C LEU B 88 35.24 -4.01 -16.22
N GLY B 89 34.07 -3.89 -16.83
CA GLY B 89 32.86 -4.37 -16.20
C GLY B 89 31.64 -4.38 -17.09
N LYS B 90 30.89 -5.47 -17.06
CA LYS B 90 29.63 -5.59 -17.79
C LYS B 90 28.90 -6.85 -17.35
N GLN B 93 23.53 -1.52 -16.76
CA GLN B 93 23.03 -0.48 -17.66
C GLN B 93 24.16 0.12 -18.50
N GLY B 94 25.30 -0.55 -18.55
CA GLY B 94 26.41 -0.05 -19.32
C GLY B 94 27.63 -0.95 -19.19
N THR B 95 28.70 -0.53 -19.88
CA THR B 95 29.97 -1.24 -19.87
C THR B 95 31.09 -0.29 -19.46
N VAL B 96 31.87 -0.69 -18.45
CA VAL B 96 32.95 0.13 -17.91
C VAL B 96 34.26 -0.31 -18.54
N TYR B 97 35.07 0.66 -18.94
CA TYR B 97 36.39 0.42 -19.53
C TYR B 97 37.49 0.93 -18.59
N GLU B 98 38.73 0.57 -18.92
CA GLU B 98 39.92 1.06 -18.23
C GLU B 98 40.68 1.94 -19.22
N LYS B 99 40.60 3.26 -19.04
CA LYS B 99 41.32 4.18 -19.92
C LYS B 99 42.77 4.32 -19.48
N THR B 100 43.00 4.81 -18.28
CA THR B 100 44.35 4.93 -17.74
C THR B 100 44.47 4.15 -16.44
N GLU B 101 45.64 4.23 -15.82
CA GLU B 101 45.87 3.54 -14.55
C GLU B 101 45.08 4.16 -13.42
N ASP B 102 44.66 5.42 -13.55
CA ASP B 102 43.93 6.12 -12.50
C ASP B 102 42.55 6.58 -12.96
N LYS B 103 41.98 5.94 -13.98
CA LYS B 103 40.75 6.44 -14.56
C LYS B 103 39.99 5.34 -15.28
N ALA B 104 38.66 5.46 -15.27
CA ALA B 104 37.77 4.50 -15.89
C ALA B 104 36.73 5.23 -16.71
N MET B 105 36.16 4.51 -17.68
CA MET B 105 35.12 5.02 -18.56
C MET B 105 33.93 4.08 -18.49
N LYS B 106 32.73 4.65 -18.60
CA LYS B 106 31.48 3.89 -18.63
C LYS B 106 30.65 4.43 -19.79
N VAL B 107 30.81 3.83 -20.97
CA VAL B 107 29.96 4.15 -22.10
C VAL B 107 28.56 3.65 -21.79
N SER B 108 27.59 4.56 -21.71
CA SER B 108 26.25 4.20 -21.28
C SER B 108 25.44 3.67 -22.45
N ARG B 109 24.70 2.59 -22.19
CA ARG B 109 23.77 2.05 -23.18
C ARG B 109 22.76 3.10 -23.61
N GLY B 110 22.27 3.90 -22.66
CA GLY B 110 21.26 4.88 -22.98
C GLY B 110 21.78 5.94 -23.93
N ARG B 111 20.88 6.43 -24.79
CA ARG B 111 21.18 7.48 -25.76
C ARG B 111 20.27 8.66 -25.47
N HIS B 112 20.77 9.63 -24.73
CA HIS B 112 20.02 10.78 -24.28
C HIS B 112 20.59 12.06 -24.89
N PRO B 113 19.82 13.13 -24.92
CA PRO B 113 20.36 14.42 -25.38
C PRO B 113 21.56 14.84 -24.54
N ARG B 114 22.27 15.84 -25.06
CA ARG B 114 23.38 16.43 -24.34
C ARG B 114 22.90 17.08 -23.05
N GLU B 115 21.80 17.85 -23.13
CA GLU B 115 21.28 18.52 -21.95
C GLU B 115 21.05 17.54 -20.80
N PHE B 116 20.85 16.26 -21.12
CA PHE B 116 20.62 15.25 -20.10
C PHE B 116 21.88 15.00 -19.27
N TYR B 117 23.01 14.74 -19.93
CA TYR B 117 24.25 14.51 -19.22
C TYR B 117 24.87 15.78 -18.65
N GLU B 118 24.41 16.94 -19.08
CA GLU B 118 24.93 18.20 -18.56
C GLU B 118 24.13 18.71 -17.37
N GLU B 119 22.87 18.31 -17.26
CA GLU B 119 22.08 18.57 -16.07
C GLU B 119 22.40 17.57 -14.96
N ILE B 120 22.79 16.35 -15.35
CA ILE B 120 23.28 15.38 -14.38
C ILE B 120 24.66 15.77 -13.88
N ASN B 121 25.48 16.32 -14.77
CA ASN B 121 26.81 16.78 -14.38
C ASN B 121 26.71 17.93 -13.37
N LEU B 122 25.74 18.82 -13.56
CA LEU B 122 25.58 19.96 -12.67
C LEU B 122 25.17 19.54 -11.26
N HIS B 123 24.58 18.36 -11.11
CA HIS B 123 24.14 17.84 -9.82
C HIS B 123 25.21 17.02 -9.15
N ILE B 124 25.97 16.22 -9.90
CA ILE B 124 27.10 15.51 -9.33
C ILE B 124 28.09 16.48 -8.73
N ILE B 125 28.30 17.62 -9.40
CA ILE B 125 29.23 18.62 -8.90
C ILE B 125 28.72 19.22 -7.59
N GLU B 126 27.45 19.59 -7.56
CA GLU B 126 26.84 20.03 -6.30
C GLU B 126 27.11 19.02 -5.20
N GLN B 127 27.06 17.73 -5.54
CA GLN B 127 27.17 16.66 -4.55
C GLN B 127 28.63 16.36 -4.20
N GLN B 128 29.55 16.50 -5.14
CA GLN B 128 30.96 16.37 -4.78
C GLN B 128 31.35 17.37 -3.70
N PHE B 129 30.77 18.59 -3.76
CA PHE B 129 31.10 19.62 -2.79
C PHE B 129 30.44 19.36 -1.44
N PHE B 130 29.20 18.87 -1.44
CA PHE B 130 28.59 18.41 -0.19
C PHE B 130 29.46 17.34 0.46
N LEU B 131 29.98 16.41 -0.34
CA LEU B 131 30.79 15.33 0.21
C LEU B 131 32.06 15.86 0.86
N LYS B 132 32.72 16.83 0.21
CA LYS B 132 34.01 17.31 0.69
C LYS B 132 33.88 18.17 1.94
N TYR B 133 32.76 18.87 2.13
CA TYR B 133 32.55 19.63 3.36
C TYR B 133 32.19 18.74 4.54
N HIS B 134 31.81 17.49 4.28
CA HIS B 134 31.56 16.51 5.32
C HIS B 134 32.69 15.50 5.45
N GLY B 135 33.73 15.63 4.64
CA GLY B 135 34.89 14.75 4.74
C GLY B 135 34.64 13.33 4.32
N ILE B 136 33.69 13.09 3.41
CA ILE B 136 33.24 11.74 3.08
C ILE B 136 33.28 11.50 1.59
N GLN B 137 34.03 12.32 0.86
CA GLN B 137 34.11 12.13 -0.59
C GLN B 137 34.78 10.81 -0.93
N GLU B 138 35.73 10.36 -0.10
CA GLU B 138 36.48 9.14 -0.40
C GLU B 138 35.61 7.90 -0.40
N HIS B 139 34.39 7.97 0.13
CA HIS B 139 33.50 6.83 0.22
C HIS B 139 32.57 6.68 -0.97
N PHE B 140 32.53 7.66 -1.87
CA PHE B 140 31.60 7.65 -2.99
C PHE B 140 32.34 7.98 -4.27
N VAL B 141 32.16 7.13 -5.28
CA VAL B 141 32.85 7.26 -6.55
C VAL B 141 31.95 8.05 -7.49
N LEU B 142 32.22 9.34 -7.62
CA LEU B 142 31.48 10.20 -8.53
C LEU B 142 32.35 10.50 -9.76
N GLY B 143 31.79 11.24 -10.71
CA GLY B 143 32.51 11.57 -11.91
C GLY B 143 31.66 12.43 -12.82
N LEU B 144 32.12 12.55 -14.06
CA LEU B 144 31.47 13.41 -15.03
C LEU B 144 31.28 12.67 -16.36
N TRP B 145 30.37 13.18 -17.16
CA TRP B 145 30.11 12.65 -18.49
C TRP B 145 30.79 13.55 -19.51
N ASN B 146 31.72 12.98 -20.28
CA ASN B 146 32.35 13.72 -21.37
C ASN B 146 31.37 13.81 -22.53
N ILE B 147 31.09 15.05 -22.98
CA ILE B 147 30.15 15.30 -24.05
C ILE B 147 30.81 15.98 -25.24
N LYS B 148 32.15 16.04 -25.27
CA LYS B 148 32.81 16.70 -26.39
C LYS B 148 32.48 16.02 -27.71
N ASN B 149 32.26 14.70 -27.68
CA ASN B 149 31.76 13.95 -28.84
C ASN B 149 30.32 13.54 -28.49
N GLU B 150 29.36 14.34 -28.94
CA GLU B 150 27.97 14.10 -28.58
C GLU B 150 27.53 12.69 -28.93
N GLU B 151 28.12 12.10 -29.97
CA GLU B 151 27.77 10.74 -30.34
C GLU B 151 28.38 9.73 -29.37
N ASN B 152 29.64 9.93 -28.99
CA ASN B 152 30.34 9.04 -28.06
C ASN B 152 30.44 9.73 -26.71
N VAL B 153 29.45 9.46 -25.83
CA VAL B 153 29.37 10.04 -24.51
C VAL B 153 29.69 8.97 -23.48
N TYR B 154 30.79 9.16 -22.75
CA TYR B 154 31.22 8.23 -21.71
C TYR B 154 31.35 8.96 -20.39
N PHE B 155 31.51 8.17 -19.32
CA PHE B 155 31.57 8.69 -17.96
C PHE B 155 32.97 8.49 -17.42
N TYR B 156 33.65 9.59 -17.11
CA TYR B 156 34.97 9.53 -16.49
C TYR B 156 34.81 9.47 -14.97
N MET B 157 35.62 8.62 -14.34
CA MET B 157 35.52 8.40 -12.91
C MET B 157 36.86 7.85 -12.43
N PRO B 158 37.18 8.04 -11.15
CA PRO B 158 38.38 7.39 -10.60
C PRO B 158 38.30 5.89 -10.72
N LYS B 159 39.46 5.27 -10.89
CA LYS B 159 39.56 3.82 -11.04
C LYS B 159 39.87 3.22 -9.67
N ILE B 160 39.04 2.28 -9.23
CA ILE B 160 39.18 1.66 -7.93
C ILE B 160 39.77 0.27 -8.11
N ASN B 161 40.75 -0.06 -7.29
CA ASN B 161 41.34 -1.40 -7.23
C ASN B 161 40.71 -2.09 -6.02
N ALA B 162 39.68 -2.88 -6.30
CA ALA B 162 38.76 -3.37 -5.29
C ALA B 162 39.08 -4.81 -4.91
N ILE B 163 39.19 -5.05 -3.60
CA ILE B 163 39.33 -6.41 -3.06
C ILE B 163 38.04 -6.75 -2.33
N PRO B 164 37.58 -8.03 -2.36
CA PRO B 164 36.26 -8.36 -1.80
C PRO B 164 36.04 -7.92 -0.36
N ILE B 165 34.77 -7.89 0.08
CA ILE B 165 34.43 -7.43 1.43
C ILE B 165 34.47 -8.61 2.39
N ASN B 166 35.05 -8.38 3.57
CA ASN B 166 35.22 -9.40 4.60
C ASN B 166 34.56 -8.92 5.89
N LYS B 167 33.28 -9.28 6.03
CA LYS B 167 32.46 -8.93 7.19
C LYS B 167 33.20 -8.72 8.50
N LYS B 168 34.02 -9.68 8.91
CA LYS B 168 34.52 -9.64 10.29
C LYS B 168 35.77 -8.76 10.43
N ILE B 169 36.75 -8.92 9.54
CA ILE B 169 37.94 -8.09 9.64
C ILE B 169 37.65 -6.68 9.12
N ASP B 170 36.68 -6.55 8.20
CA ASP B 170 36.31 -5.25 7.64
C ASP B 170 35.18 -4.56 8.41
N GLN B 171 34.97 -4.93 9.67
CA GLN B 171 33.80 -4.38 10.35
C GLN B 171 33.95 -2.87 10.51
N PRO B 172 35.13 -2.37 10.92
CA PRO B 172 35.28 -0.91 11.03
C PRO B 172 35.06 -0.18 9.71
N LYS B 173 35.60 -0.70 8.61
CA LYS B 173 35.51 0.01 7.35
C LYS B 173 34.08 0.10 6.85
N ILE B 174 33.23 -0.87 7.24
CA ILE B 174 31.82 -0.83 6.86
C ILE B 174 31.04 0.10 7.79
N GLU B 175 31.39 0.12 9.07
CA GLU B 175 30.76 1.09 9.97
C GLU B 175 31.11 2.51 9.56
N GLU B 176 32.36 2.74 9.17
CA GLU B 176 32.77 4.06 8.70
C GLU B 176 31.98 4.47 7.46
N PHE B 177 31.71 3.52 6.56
CA PHE B 177 30.94 3.83 5.38
C PHE B 177 29.48 4.11 5.72
N VAL B 178 28.89 3.30 6.61
CA VAL B 178 27.48 3.48 6.95
C VAL B 178 27.26 4.86 7.56
N LEU B 179 28.12 5.25 8.50
CA LEU B 179 28.00 6.58 9.10
C LEU B 179 28.16 7.67 8.04
N ALA B 180 29.00 7.44 7.04
CA ALA B 180 29.11 8.41 5.95
C ALA B 180 27.82 8.45 5.13
N LEU B 181 27.21 7.29 4.89
CA LEU B 181 25.96 7.25 4.15
C LEU B 181 24.82 7.90 4.93
N LYS B 182 24.76 7.66 6.25
CA LYS B 182 23.76 8.34 7.08
C LYS B 182 23.90 9.85 6.97
N GLU B 183 25.12 10.36 7.07
CA GLU B 183 25.31 11.80 6.94
C GLU B 183 24.73 12.29 5.62
N LEU B 184 24.92 11.50 4.56
CA LEU B 184 24.32 11.82 3.27
C LEU B 184 22.80 11.77 3.36
N ASN B 185 22.26 10.67 3.90
CA ASN B 185 20.81 10.56 4.05
C ASN B 185 20.25 11.71 4.91
N ASP B 186 20.96 12.08 5.97
CA ASP B 186 20.44 13.12 6.84
C ASP B 186 20.18 14.42 6.08
N ALA B 187 21.01 14.72 5.08
CA ALA B 187 20.85 15.91 4.27
C ALA B 187 19.86 15.75 3.13
N GLY B 188 19.27 14.57 2.96
CA GLY B 188 18.26 14.36 1.94
C GLY B 188 18.74 13.68 0.67
N TYR B 189 20.01 13.27 0.60
CA TYR B 189 20.51 12.50 -0.51
C TYR B 189 20.45 11.01 -0.19
N TRP B 190 20.25 10.18 -1.21
CA TRP B 190 20.36 8.74 -1.00
C TRP B 190 20.81 8.05 -2.28
N HIS B 191 21.36 6.86 -2.11
CA HIS B 191 21.91 6.10 -3.23
C HIS B 191 20.77 5.57 -4.11
N PRO B 192 20.86 5.69 -5.43
CA PRO B 192 19.75 5.22 -6.27
C PRO B 192 19.58 3.71 -6.27
N ASP B 193 20.66 2.95 -6.03
CA ASP B 193 20.60 1.49 -6.09
C ASP B 193 21.57 0.91 -5.05
N LEU B 194 21.16 0.94 -3.79
CA LEU B 194 21.96 0.34 -2.73
C LEU B 194 21.04 -0.32 -1.71
N ALA B 195 19.99 0.39 -1.30
CA ALA B 195 18.99 -0.19 -0.39
C ALA B 195 17.73 0.68 -0.51
N ASN B 196 16.85 0.28 -1.41
CA ASN B 196 15.66 1.08 -1.68
C ASN B 196 14.59 0.92 -0.60
N ASN B 197 14.60 -0.20 0.12
CA ASN B 197 13.64 -0.46 1.18
C ASN B 197 14.19 -1.59 2.03
N PRO B 198 13.60 -1.85 3.19
CA PRO B 198 14.15 -2.87 4.09
C PRO B 198 14.34 -4.24 3.45
N TYR B 199 13.61 -4.53 2.37
CA TYR B 199 13.67 -5.83 1.72
C TYR B 199 14.49 -5.82 0.44
N HIS B 200 15.10 -4.71 0.08
CA HIS B 200 15.94 -4.62 -1.11
C HIS B 200 17.35 -4.20 -0.72
N ILE B 201 18.33 -4.84 -1.34
CA ILE B 201 19.74 -4.56 -1.09
C ILE B 201 20.52 -4.96 -2.33
N SER B 202 21.61 -4.23 -2.60
CA SER B 202 22.47 -4.47 -3.77
C SER B 202 23.92 -4.47 -3.32
N PRO B 203 24.36 -5.54 -2.66
CA PRO B 203 25.75 -5.58 -2.16
C PRO B 203 26.80 -5.43 -3.26
N GLN B 204 26.44 -5.56 -4.54
CA GLN B 204 27.45 -5.45 -5.58
C GLN B 204 27.92 -4.02 -5.76
N ASN B 205 27.11 -3.05 -5.35
CA ASN B 205 27.51 -1.64 -5.39
C ASN B 205 28.32 -1.23 -4.18
N LEU B 206 28.53 -2.12 -3.23
CA LEU B 206 29.51 -1.91 -2.17
C LEU B 206 30.86 -2.45 -2.64
N ILE B 207 31.90 -1.66 -2.45
CA ILE B 207 33.24 -2.01 -2.89
C ILE B 207 34.19 -1.82 -1.71
N ALA B 208 35.16 -2.72 -1.58
CA ALA B 208 36.17 -2.60 -0.55
C ALA B 208 37.53 -2.36 -1.18
N THR B 209 38.32 -1.50 -0.57
CA THR B 209 39.73 -1.34 -0.88
C THR B 209 40.51 -1.69 0.39
N GLU B 210 41.80 -1.40 0.40
CA GLU B 210 42.65 -1.81 1.50
C GLU B 210 42.63 -0.82 2.66
N GLU B 211 41.89 0.29 2.52
CA GLU B 211 41.74 1.25 3.60
C GLU B 211 40.32 1.68 3.87
N MET B 212 39.35 1.33 3.03
CA MET B 212 37.98 1.79 3.27
C MET B 212 37.00 1.05 2.40
N VAL B 213 35.71 1.30 2.65
CA VAL B 213 34.62 0.78 1.83
C VAL B 213 34.06 1.94 1.03
N LYS B 214 33.81 1.71 -0.26
CA LYS B 214 33.25 2.71 -1.15
C LYS B 214 31.97 2.17 -1.75
N THR B 215 31.24 3.04 -2.44
CA THR B 215 30.04 2.66 -3.17
C THR B 215 30.12 3.24 -4.57
N ILE B 216 29.58 2.51 -5.53
CA ILE B 216 29.65 2.90 -6.93
C ILE B 216 28.24 2.96 -7.50
N ASP B 217 28.14 2.97 -8.83
CA ASP B 217 26.86 3.07 -9.53
C ASP B 217 26.21 4.42 -9.28
N LEU B 218 27.04 5.47 -9.22
CA LEU B 218 26.58 6.82 -8.95
C LEU B 218 26.73 7.73 -10.16
N ASP B 219 26.95 7.18 -11.35
CA ASP B 219 27.09 8.03 -12.53
C ASP B 219 25.82 8.83 -12.80
N GLY B 220 24.69 8.46 -12.20
CA GLY B 220 23.49 9.24 -12.28
C GLY B 220 23.33 10.25 -11.18
N GLY B 221 24.29 10.32 -10.26
CA GLY B 221 24.16 11.18 -9.10
C GLY B 221 23.28 10.55 -8.04
N PHE B 222 23.24 11.21 -6.88
CA PHE B 222 22.37 10.77 -5.80
C PHE B 222 20.93 11.15 -6.10
N ARG B 223 20.01 10.46 -5.44
CA ARG B 223 18.60 10.83 -5.50
C ARG B 223 18.29 11.86 -4.40
N TYR B 224 17.15 12.53 -4.56
CA TYR B 224 16.69 13.55 -3.62
C TYR B 224 15.27 13.94 -4.01
N ASP B 225 14.67 14.79 -3.18
CA ASP B 225 13.30 15.23 -3.42
C ASP B 225 13.24 16.15 -4.63
N LYS B 226 12.23 15.91 -5.49
CA LYS B 226 12.01 16.70 -6.69
C LYS B 226 10.68 17.45 -6.63
N GLY B 227 10.20 17.73 -5.42
CA GLY B 227 8.89 18.34 -5.27
C GLY B 227 7.74 17.41 -5.54
N ARG B 228 7.98 16.11 -5.59
CA ARG B 228 6.91 15.15 -5.86
C ARG B 228 6.02 14.99 -4.62
N VAL B 229 4.86 14.38 -4.83
CA VAL B 229 3.83 14.35 -3.79
C VAL B 229 3.10 13.01 -3.74
N ASP B 230 3.33 12.14 -4.72
CA ASP B 230 2.58 10.89 -4.75
C ASP B 230 3.06 9.96 -3.64
N GLU B 231 2.29 8.88 -3.44
CA GLU B 231 2.61 7.92 -2.39
C GLU B 231 4.01 7.35 -2.56
N LEU B 232 4.34 6.91 -3.77
CA LEU B 232 5.63 6.27 -3.98
C LEU B 232 6.78 7.21 -3.68
N SER B 233 6.63 8.50 -4.02
CA SER B 233 7.69 9.46 -3.74
C SER B 233 7.73 9.81 -2.25
N ARG B 234 6.57 9.90 -1.61
CA ARG B 234 6.55 10.05 -0.16
C ARG B 234 7.20 8.85 0.53
N LYS B 235 6.89 7.65 0.05
CA LYS B 235 7.48 6.45 0.64
C LYS B 235 8.99 6.44 0.44
N SER B 236 9.45 6.83 -0.75
CA SER B 236 10.88 6.80 -1.04
C SER B 236 11.64 7.78 -0.14
N LEU B 237 11.04 8.94 0.14
CA LEU B 237 11.73 9.94 0.96
C LEU B 237 11.89 9.47 2.40
N VAL B 238 11.05 8.55 2.86
CA VAL B 238 11.25 7.92 4.16
C VAL B 238 12.36 6.89 4.09
N TYR B 239 12.30 6.01 3.09
CA TYR B 239 13.36 5.01 2.92
C TYR B 239 14.70 5.69 2.65
N GLY B 240 14.69 6.78 1.89
CA GLY B 240 15.94 7.46 1.59
C GLY B 240 16.67 7.95 2.82
N LYS B 241 15.93 8.29 3.88
CA LYS B 241 16.57 8.80 5.08
C LYS B 241 17.10 7.68 5.96
N ASP B 242 16.44 6.53 5.96
CA ASP B 242 16.88 5.37 6.74
C ASP B 242 17.70 4.40 5.92
N GLN B 243 18.11 4.78 4.71
CA GLN B 243 18.87 3.89 3.83
C GLN B 243 20.08 3.30 4.55
N TRP B 244 20.90 4.16 5.16
CA TRP B 244 22.08 3.70 5.89
C TRP B 244 21.74 2.57 6.86
N LEU B 245 20.54 2.61 7.46
CA LEU B 245 20.17 1.62 8.46
C LEU B 245 19.87 0.27 7.82
N TYR B 246 19.33 0.26 6.61
CA TYR B 246 19.08 -1.01 5.94
C TYR B 246 20.40 -1.67 5.55
N VAL B 247 21.34 -0.90 5.03
CA VAL B 247 22.62 -1.46 4.59
C VAL B 247 23.34 -2.11 5.77
N TYR B 248 23.39 -1.41 6.90
CA TYR B 248 24.11 -1.95 8.06
C TYR B 248 23.44 -3.22 8.56
N ASN B 249 22.12 -3.16 8.80
CA ASN B 249 21.43 -4.30 9.40
C ASN B 249 21.42 -5.52 8.49
N PHE B 250 21.50 -5.30 7.17
CA PHE B 250 21.55 -6.43 6.24
C PHE B 250 22.89 -7.16 6.32
N ILE B 251 23.96 -6.44 6.64
CA ILE B 251 25.26 -7.06 6.83
C ILE B 251 25.36 -7.64 8.23
N TYR B 252 24.94 -6.87 9.24
CA TYR B 252 25.02 -7.26 10.64
C TYR B 252 23.61 -7.21 11.24
N PRO B 253 22.78 -8.22 10.95
CA PRO B 253 21.43 -8.25 11.53
C PRO B 253 21.51 -8.55 13.02
N PRO B 254 20.49 -8.13 13.78
CA PRO B 254 20.52 -8.33 15.24
C PRO B 254 20.52 -9.80 15.62
N THR B 255 21.07 -10.08 16.80
CA THR B 255 21.27 -11.44 17.29
C THR B 255 20.66 -11.55 18.68
N ASP B 256 19.92 -12.64 18.89
CA ASP B 256 19.27 -12.89 20.17
C ASP B 256 20.17 -13.79 21.02
N GLU B 257 19.65 -14.25 22.16
CA GLU B 257 20.43 -15.09 23.06
C GLU B 257 20.89 -16.37 22.39
N GLU B 258 20.10 -16.92 21.47
CA GLU B 258 20.42 -18.17 20.80
C GLU B 258 21.38 -17.99 19.63
N ASP B 259 22.02 -16.82 19.51
CA ASP B 259 22.89 -16.54 18.37
C ASP B 259 22.12 -16.72 17.07
N HIS B 260 20.85 -16.33 17.07
CA HIS B 260 19.96 -16.51 15.94
C HIS B 260 19.54 -15.16 15.37
N ARG B 261 19.42 -15.11 14.04
CA ARG B 261 19.10 -13.86 13.37
C ARG B 261 17.67 -13.44 13.68
N ILE B 262 17.50 -12.15 13.97
CA ILE B 262 16.20 -11.54 14.20
C ILE B 262 15.82 -10.76 12.94
N ASP B 263 14.57 -10.90 12.51
CA ASP B 263 14.08 -10.18 11.33
C ASP B 263 13.76 -8.75 11.75
N TRP B 264 14.68 -7.83 11.46
CA TRP B 264 14.53 -6.44 11.87
C TRP B 264 13.52 -5.67 11.01
N ARG B 265 13.15 -6.21 9.86
CA ARG B 265 12.28 -5.49 8.95
C ARG B 265 10.83 -5.48 9.43
N VAL B 266 10.42 -6.48 10.20
CA VAL B 266 9.03 -6.59 10.63
C VAL B 266 8.71 -5.43 11.56
N PRO B 267 9.47 -5.22 12.65
CA PRO B 267 9.15 -4.08 13.52
C PRO B 267 9.16 -2.75 12.80
N ILE B 268 10.13 -2.48 11.93
CA ILE B 268 10.22 -1.14 11.37
C ILE B 268 9.14 -0.91 10.33
N GLU B 269 8.74 -1.96 9.61
CA GLU B 269 7.70 -1.78 8.61
C GLU B 269 6.36 -1.46 9.26
N LYS B 270 6.08 -2.06 10.42
CA LYS B 270 4.91 -1.69 11.18
C LYS B 270 5.02 -0.24 11.66
N TRP B 271 6.18 0.14 12.18
CA TRP B 271 6.36 1.50 12.68
C TRP B 271 6.17 2.52 11.57
N TYR B 272 6.63 2.20 10.35
CA TYR B 272 6.39 3.09 9.22
C TYR B 272 4.88 3.23 8.95
N GLU B 273 4.18 2.11 8.84
CA GLU B 273 2.74 2.16 8.57
C GLU B 273 1.99 2.92 9.66
N ASN B 274 2.55 3.02 10.87
CA ASN B 274 1.91 3.73 11.97
C ASN B 274 2.48 5.12 12.20
N ASN B 275 3.38 5.60 11.33
CA ASN B 275 3.99 6.92 11.44
C ASN B 275 4.27 7.41 10.02
N ARG B 276 3.21 7.68 9.27
CA ARG B 276 3.36 8.01 7.86
C ARG B 276 4.25 9.23 7.68
N ASP B 277 5.10 9.17 6.65
CA ASP B 277 5.90 10.32 6.22
C ASP B 277 6.86 10.78 7.32
N GLU B 278 7.46 9.82 8.03
CA GLU B 278 8.59 10.14 8.88
C GLU B 278 9.44 8.89 9.08
N SER B 279 10.73 9.13 9.30
CA SER B 279 11.74 8.10 9.31
C SER B 279 12.25 7.88 10.74
N LEU B 280 12.96 6.76 10.91
CA LEU B 280 13.56 6.48 12.21
C LEU B 280 14.76 7.37 12.48
N SER B 281 15.42 7.86 11.44
CA SER B 281 16.58 8.72 11.64
C SER B 281 16.19 10.03 12.30
N ASP B 282 14.95 10.51 12.08
CA ASP B 282 14.46 11.73 12.70
C ASP B 282 13.88 11.50 14.09
N ASN B 283 13.80 10.25 14.54
CA ASN B 283 13.25 9.89 15.85
C ASN B 283 14.29 9.09 16.62
N PRO B 284 15.27 9.76 17.23
CA PRO B 284 16.35 9.01 17.90
C PRO B 284 15.88 8.12 19.04
N HIS B 285 14.84 8.51 19.78
CA HIS B 285 14.44 7.70 20.93
C HIS B 285 13.91 6.34 20.50
N THR B 286 13.10 6.29 19.44
CA THR B 286 12.63 5.00 18.94
C THR B 286 13.78 4.19 18.36
N LEU B 287 14.67 4.84 17.60
CA LEU B 287 15.85 4.15 17.09
C LEU B 287 16.59 3.43 18.20
N LEU B 288 16.90 4.15 19.28
CA LEU B 288 17.62 3.53 20.40
C LEU B 288 16.75 2.53 21.15
N ARG B 289 15.44 2.76 21.20
CA ARG B 289 14.54 1.77 21.77
C ARG B 289 14.70 0.43 21.05
N PHE B 290 14.49 0.42 19.74
CA PHE B 290 14.69 -0.79 18.95
C PHE B 290 16.05 -1.41 19.23
N TYR B 291 17.10 -0.58 19.24
CA TYR B 291 18.44 -1.09 19.50
C TYR B 291 18.53 -1.70 20.88
N HIS B 292 17.99 -1.03 21.89
CA HIS B 292 18.01 -1.59 23.24
C HIS B 292 17.18 -2.86 23.31
N GLU B 293 16.05 -2.89 22.58
CA GLU B 293 15.24 -4.10 22.52
C GLU B 293 15.93 -5.24 21.77
N GLY B 294 17.04 -4.98 21.09
CA GLY B 294 17.67 -6.00 20.29
C GLY B 294 16.96 -6.30 19.00
N LEU B 295 16.28 -5.32 18.42
CA LEU B 295 15.52 -5.52 17.19
C LEU B 295 16.17 -4.88 15.97
N ILE B 296 17.14 -3.99 16.16
CA ILE B 296 17.96 -3.48 15.05
C ILE B 296 19.40 -3.36 15.52
N SER B 297 20.30 -3.31 14.55
CA SER B 297 21.72 -3.11 14.81
C SER B 297 22.08 -1.68 14.46
N LEU B 298 22.96 -1.08 15.26
CA LEU B 298 23.47 0.25 15.01
C LEU B 298 24.99 0.23 15.01
N PRO B 299 25.63 1.04 14.17
CA PRO B 299 27.09 1.15 14.24
C PRO B 299 27.53 1.48 15.66
N LYS B 300 28.69 0.92 16.05
CA LYS B 300 29.16 1.07 17.41
C LYS B 300 29.20 2.54 17.82
N LYS B 301 29.67 3.42 16.93
CA LYS B 301 29.85 4.82 17.30
C LYS B 301 28.50 5.54 17.42
N LEU B 302 27.56 5.23 16.54
CA LEU B 302 26.25 5.89 16.61
C LEU B 302 25.49 5.48 17.86
N ALA B 303 25.48 4.18 18.18
CA ALA B 303 24.85 3.73 19.40
C ALA B 303 25.41 4.47 20.62
N HIS B 304 26.71 4.73 20.62
CA HIS B 304 27.31 5.47 21.72
C HIS B 304 26.78 6.90 21.76
N ASP B 305 26.88 7.62 20.65
CA ASP B 305 26.46 9.02 20.64
C ASP B 305 24.99 9.18 21.00
N LEU B 306 24.15 8.22 20.63
CA LEU B 306 22.74 8.32 20.97
C LEU B 306 22.51 8.06 22.45
N HIS B 307 23.27 7.14 23.04
CA HIS B 307 23.08 6.82 24.45
C HIS B 307 23.38 8.02 25.34
N GLU B 308 24.43 8.77 25.02
CA GLU B 308 24.77 9.93 25.84
C GLU B 308 23.80 11.09 25.61
N THR B 309 23.06 11.08 24.50
CA THR B 309 22.10 12.15 24.23
C THR B 309 20.75 11.89 24.90
N ILE B 310 20.33 10.63 24.98
CA ILE B 310 19.06 10.33 25.65
C ILE B 310 19.18 10.54 27.16
N LEU B 311 20.38 10.38 27.71
CA LEU B 311 20.56 10.62 29.14
C LEU B 311 20.48 12.12 29.45
N GLU B 312 20.88 12.96 28.50
CA GLU B 312 20.79 14.41 28.66
C GLU B 312 19.37 14.94 28.45
N GLU B 313 18.40 14.07 28.20
CA GLU B 313 17.02 14.47 28.01
C GLU B 313 16.23 14.32 29.30
N LEU B 314 14.99 14.80 29.27
CA LEU B 314 14.19 14.93 30.49
C LEU B 314 13.18 13.81 30.67
N LYS C 16 -27.32 0.91 -20.39
CA LYS C 16 -26.39 2.04 -20.46
C LYS C 16 -25.16 1.77 -19.60
N ILE C 17 -25.28 0.81 -18.68
CA ILE C 17 -24.19 0.55 -17.73
C ILE C 17 -22.94 0.02 -18.43
N ASN C 18 -23.09 -0.53 -19.63
CA ASN C 18 -21.91 -0.95 -20.39
C ASN C 18 -21.26 0.22 -21.12
N LYS C 19 -22.03 1.27 -21.43
CA LYS C 19 -21.45 2.47 -22.05
C LYS C 19 -20.83 3.41 -21.01
N ILE C 20 -21.38 3.44 -19.80
CA ILE C 20 -20.86 4.34 -18.78
C ILE C 20 -19.45 3.96 -18.38
N VAL C 21 -19.12 2.67 -18.41
CA VAL C 21 -17.81 2.23 -17.97
C VAL C 21 -16.72 2.59 -18.97
N ASN C 22 -17.09 2.91 -20.21
CA ASN C 22 -16.13 3.35 -21.21
C ASN C 22 -15.80 4.84 -21.12
N GLY C 23 -16.29 5.52 -20.09
CA GLY C 23 -16.02 6.92 -19.88
C GLY C 23 -14.78 7.16 -19.04
N THR C 24 -14.76 8.29 -18.34
CA THR C 24 -13.61 8.68 -17.54
C THR C 24 -13.80 8.24 -16.09
N ASP C 25 -12.80 7.51 -15.58
CA ASP C 25 -12.85 6.93 -14.24
C ASP C 25 -12.45 7.97 -13.21
N LEU C 26 -13.40 8.39 -12.37
CA LEU C 26 -13.15 9.40 -11.35
C LEU C 26 -12.99 8.80 -9.95
N THR C 27 -12.88 7.47 -9.85
CA THR C 27 -12.84 6.84 -8.53
C THR C 27 -11.71 7.34 -7.64
N PRO C 28 -10.49 7.57 -8.14
CA PRO C 28 -9.42 8.06 -7.26
C PRO C 28 -9.75 9.38 -6.57
N HIS C 29 -10.70 10.16 -7.09
CA HIS C 29 -11.01 11.47 -6.52
C HIS C 29 -12.08 11.42 -5.45
N TYR C 30 -12.75 10.29 -5.26
CA TYR C 30 -13.86 10.22 -4.31
C TYR C 30 -13.79 9.02 -3.37
N LEU C 31 -13.41 7.86 -3.88
CA LEU C 31 -13.45 6.64 -3.09
C LEU C 31 -12.03 6.18 -2.74
N SER C 32 -11.96 5.15 -1.90
CA SER C 32 -10.68 4.59 -1.45
C SER C 32 -10.23 3.51 -2.43
N GLU C 33 -9.80 3.97 -3.60
CA GLU C 33 -9.23 3.05 -4.58
C GLU C 33 -8.02 2.37 -3.97
N PRO C 34 -7.88 1.03 -4.13
CA PRO C 34 -8.69 0.08 -4.92
C PRO C 34 -10.07 -0.18 -4.33
N ASN C 35 -11.04 -0.36 -5.22
CA ASN C 35 -12.43 -0.57 -4.82
C ASN C 35 -13.08 -1.55 -5.80
N LYS C 36 -13.40 -2.75 -5.32
CA LYS C 36 -14.15 -3.70 -6.13
C LYS C 36 -15.65 -3.48 -6.04
N GLU C 37 -16.11 -2.69 -5.06
CA GLU C 37 -17.54 -2.48 -4.88
C GLU C 37 -18.08 -1.45 -5.88
N PHE C 38 -17.64 -0.20 -5.74
CA PHE C 38 -18.21 0.90 -6.52
C PHE C 38 -17.11 1.65 -7.27
N LYS C 39 -17.55 2.39 -8.28
CA LYS C 39 -16.67 3.27 -9.04
C LYS C 39 -17.46 4.51 -9.44
N ILE C 40 -16.73 5.57 -9.79
CA ILE C 40 -17.32 6.83 -10.25
C ILE C 40 -16.88 7.04 -11.70
N TYR C 41 -17.85 7.25 -12.58
CA TYR C 41 -17.59 7.37 -14.01
C TYR C 41 -18.25 8.63 -14.55
N ARG C 42 -17.61 9.21 -15.57
CA ARG C 42 -18.06 10.45 -16.20
C ARG C 42 -18.48 10.11 -17.63
N TYR C 43 -19.79 10.04 -17.86
CA TYR C 43 -20.33 9.64 -19.15
C TYR C 43 -21.35 10.68 -19.61
N ASN C 44 -21.20 11.15 -20.85
CA ASN C 44 -22.08 12.16 -21.41
C ASN C 44 -22.16 13.39 -20.50
N ASN C 45 -21.03 13.75 -19.91
CA ASN C 45 -20.97 14.84 -18.93
C ASN C 45 -22.03 14.63 -17.85
N GLU C 46 -22.13 13.40 -17.37
CA GLU C 46 -22.93 13.01 -16.23
C GLU C 46 -22.05 12.10 -15.37
N VAL C 47 -22.17 12.22 -14.06
CA VAL C 47 -21.30 11.50 -13.12
C VAL C 47 -22.12 10.43 -12.42
N TYR C 48 -21.62 9.20 -12.44
CA TYR C 48 -22.38 8.04 -11.99
C TYR C 48 -21.59 7.26 -10.94
N ALA C 49 -22.32 6.50 -10.13
CA ALA C 49 -21.76 5.49 -9.24
C ALA C 49 -22.18 4.13 -9.77
N VAL C 50 -21.25 3.20 -9.86
CA VAL C 50 -21.49 1.90 -10.48
C VAL C 50 -21.11 0.80 -9.50
N ARG C 51 -22.09 -0.01 -9.13
CA ARG C 51 -21.84 -1.19 -8.31
C ARG C 51 -21.47 -2.37 -9.20
N PHE C 52 -20.57 -3.22 -8.71
CA PHE C 52 -20.08 -4.37 -9.44
C PHE C 52 -20.37 -5.65 -8.67
N GLU C 53 -20.49 -6.76 -9.40
CA GLU C 53 -20.73 -8.08 -8.81
C GLU C 53 -19.43 -8.84 -8.60
N ASN C 54 -18.73 -9.16 -9.70
CA ASN C 54 -17.37 -9.70 -9.62
C ASN C 54 -16.42 -8.72 -10.28
N ASP C 55 -16.28 -8.82 -11.60
CA ASP C 55 -15.59 -7.80 -12.39
C ASP C 55 -16.54 -7.04 -13.32
N GLU C 56 -17.69 -7.64 -13.66
CA GLU C 56 -18.68 -7.04 -14.53
C GLU C 56 -19.63 -6.16 -13.72
N PRO C 57 -20.02 -5.00 -14.23
CA PRO C 57 -20.92 -4.12 -13.49
C PRO C 57 -22.37 -4.59 -13.59
N MET C 58 -23.17 -4.10 -12.65
CA MET C 58 -24.56 -4.51 -12.52
C MET C 58 -25.55 -3.36 -12.64
N ASP C 59 -25.28 -2.23 -11.99
CA ASP C 59 -26.26 -1.16 -11.95
C ASP C 59 -25.56 0.16 -11.69
N TYR C 60 -26.19 1.25 -12.12
CA TYR C 60 -25.69 2.60 -11.90
C TYR C 60 -26.75 3.43 -11.19
N VAL C 61 -26.31 4.54 -10.60
CA VAL C 61 -27.18 5.63 -10.18
C VAL C 61 -26.59 6.93 -10.70
N LEU C 62 -27.44 7.91 -10.89
CA LEU C 62 -27.00 9.22 -11.34
C LEU C 62 -26.72 10.10 -10.13
N MET C 63 -25.57 10.78 -10.15
CA MET C 63 -25.13 11.62 -9.04
C MET C 63 -25.35 13.10 -9.30
N TRP C 64 -24.88 13.61 -10.43
CA TRP C 64 -25.04 15.03 -10.79
C TRP C 64 -24.57 15.18 -12.23
N LYS C 65 -24.77 16.38 -12.78
CA LYS C 65 -24.31 16.67 -14.14
C LYS C 65 -22.95 17.36 -14.10
N SER C 66 -22.02 16.86 -14.90
CA SER C 66 -20.69 17.44 -15.02
C SER C 66 -20.66 18.48 -16.13
N HIS C 67 -19.87 19.53 -15.90
CA HIS C 67 -19.61 20.54 -16.94
C HIS C 67 -18.13 20.52 -17.30
N ASP C 84 -13.92 32.94 -5.80
CA ASP C 84 -14.96 33.89 -6.15
C ASP C 84 -16.23 33.19 -6.60
N TYR C 85 -16.46 32.00 -6.06
CA TYR C 85 -17.68 31.26 -6.39
C TYR C 85 -18.89 31.90 -5.73
N LYS C 86 -20.00 31.94 -6.44
CA LYS C 86 -21.22 32.53 -5.92
C LYS C 86 -21.73 31.72 -4.73
N GLU C 87 -21.98 32.39 -3.61
CA GLU C 87 -22.41 31.73 -2.39
C GLU C 87 -23.91 31.47 -2.44
N LEU C 88 -24.30 30.21 -2.21
CA LEU C 88 -25.71 29.83 -2.17
C LEU C 88 -26.29 29.83 -0.77
N GLY C 89 -25.45 29.74 0.26
CA GLY C 89 -25.93 29.74 1.62
C GLY C 89 -24.85 29.37 2.63
N LYS C 90 -25.05 29.77 3.88
CA LYS C 90 -24.08 29.46 4.94
C LYS C 90 -24.78 29.52 6.29
N GLY C 91 -24.28 28.72 7.22
CA GLY C 91 -24.85 28.66 8.55
C GLY C 91 -23.91 28.04 9.57
N GLY C 94 -21.65 25.04 7.64
CA GLY C 94 -20.83 24.98 6.44
C GLY C 94 -21.30 25.93 5.35
N THR C 95 -20.39 26.29 4.46
CA THR C 95 -20.67 27.21 3.37
C THR C 95 -21.01 26.42 2.11
N VAL C 96 -21.95 26.93 1.33
CA VAL C 96 -22.39 26.31 0.09
C VAL C 96 -22.15 27.30 -1.04
N TYR C 97 -21.44 26.85 -2.08
CA TYR C 97 -21.12 27.66 -3.25
C TYR C 97 -21.81 27.08 -4.48
N GLU C 98 -21.69 27.82 -5.58
CA GLU C 98 -22.23 27.42 -6.88
C GLU C 98 -21.09 27.36 -7.88
N LYS C 99 -20.56 26.14 -8.12
CA LYS C 99 -19.51 25.96 -9.11
C LYS C 99 -20.06 25.79 -10.52
N THR C 100 -21.32 25.37 -10.66
CA THR C 100 -21.98 25.30 -11.95
C THR C 100 -23.46 25.62 -11.75
N GLU C 101 -24.18 25.75 -12.86
CA GLU C 101 -25.63 25.91 -12.79
C GLU C 101 -26.33 24.61 -12.41
N ASP C 102 -25.61 23.48 -12.42
CA ASP C 102 -26.18 22.17 -12.10
C ASP C 102 -25.29 21.40 -11.15
N LYS C 103 -24.55 22.10 -10.29
CA LYS C 103 -23.66 21.44 -9.32
C LYS C 103 -23.28 22.45 -8.26
N ALA C 104 -23.40 22.06 -6.99
CA ALA C 104 -23.09 22.91 -5.86
C ALA C 104 -21.89 22.34 -5.10
N MET C 105 -21.45 23.07 -4.08
CA MET C 105 -20.23 22.72 -3.35
C MET C 105 -20.38 23.15 -1.91
N LYS C 106 -20.31 22.20 -0.98
CA LYS C 106 -20.28 22.50 0.45
C LYS C 106 -18.87 22.22 0.97
N VAL C 107 -18.20 23.27 1.43
CA VAL C 107 -16.82 23.15 1.88
C VAL C 107 -16.78 22.52 3.26
N SER C 108 -15.86 21.58 3.44
CA SER C 108 -15.70 20.91 4.72
C SER C 108 -15.11 21.88 5.73
N ARG C 109 -15.75 21.98 6.89
CA ARG C 109 -15.24 22.77 8.00
C ARG C 109 -14.64 21.90 9.10
N GLY C 110 -14.73 20.58 8.97
CA GLY C 110 -13.93 19.69 9.77
C GLY C 110 -12.64 19.32 9.05
N ARG C 111 -11.68 18.79 9.79
CA ARG C 111 -10.38 18.43 9.23
C ARG C 111 -10.16 16.94 9.51
N HIS C 112 -10.66 16.10 8.62
CA HIS C 112 -10.53 14.67 8.77
C HIS C 112 -9.66 14.09 7.65
N PRO C 113 -9.03 12.94 7.89
CA PRO C 113 -8.26 12.30 6.82
C PRO C 113 -9.15 11.87 5.67
N ARG C 114 -8.53 11.63 4.51
CA ARG C 114 -9.24 11.14 3.34
C ARG C 114 -10.14 9.96 3.70
N GLU C 115 -9.56 8.94 4.36
CA GLU C 115 -10.30 7.72 4.64
C GLU C 115 -11.64 8.01 5.29
N PHE C 116 -11.74 9.12 6.04
CA PHE C 116 -12.99 9.46 6.71
C PHE C 116 -14.08 9.80 5.69
N TYR C 117 -13.77 10.71 4.76
CA TYR C 117 -14.76 11.10 3.76
C TYR C 117 -15.07 9.96 2.81
N GLU C 118 -14.04 9.21 2.39
CA GLU C 118 -14.26 8.07 1.50
C GLU C 118 -15.30 7.12 2.09
N GLU C 119 -15.17 6.80 3.39
CA GLU C 119 -16.10 5.89 4.03
C GLU C 119 -17.50 6.48 4.12
N ILE C 120 -17.61 7.81 4.23
CA ILE C 120 -18.92 8.44 4.17
C ILE C 120 -19.53 8.25 2.79
N ASN C 121 -18.79 8.67 1.74
CA ASN C 121 -19.21 8.44 0.37
C ASN C 121 -19.69 7.00 0.16
N LEU C 122 -18.91 6.04 0.66
CA LEU C 122 -19.26 4.64 0.48
C LEU C 122 -20.65 4.34 1.01
N HIS C 123 -21.07 5.00 2.08
CA HIS C 123 -22.40 4.82 2.62
C HIS C 123 -23.43 5.70 1.96
N ILE C 124 -23.01 6.82 1.38
CA ILE C 124 -23.91 7.63 0.57
C ILE C 124 -24.28 6.89 -0.71
N ILE C 125 -23.28 6.33 -1.38
CA ILE C 125 -23.56 5.55 -2.59
C ILE C 125 -24.51 4.41 -2.27
N GLU C 126 -24.22 3.65 -1.21
CA GLU C 126 -25.10 2.57 -0.80
C GLU C 126 -26.53 3.07 -0.62
N GLN C 127 -26.68 4.27 -0.05
CA GLN C 127 -28.00 4.84 0.19
C GLN C 127 -28.61 5.43 -1.07
N GLN C 128 -27.80 5.79 -2.07
CA GLN C 128 -28.35 6.21 -3.35
C GLN C 128 -29.04 5.05 -4.05
N PHE C 129 -28.47 3.84 -3.94
CA PHE C 129 -29.06 2.68 -4.59
C PHE C 129 -30.32 2.22 -3.86
N PHE C 130 -30.38 2.41 -2.55
CA PHE C 130 -31.61 2.11 -1.83
C PHE C 130 -32.74 3.03 -2.25
N LEU C 131 -32.43 4.31 -2.52
CA LEU C 131 -33.48 5.23 -2.93
C LEU C 131 -33.93 4.96 -4.37
N LYS C 132 -33.02 4.46 -5.21
CA LYS C 132 -33.37 4.15 -6.59
C LYS C 132 -34.15 2.84 -6.69
N TYR C 133 -33.88 1.90 -5.78
CA TYR C 133 -34.64 0.65 -5.71
C TYR C 133 -35.99 0.82 -5.03
N HIS C 134 -36.24 1.96 -4.40
CA HIS C 134 -37.57 2.30 -3.91
C HIS C 134 -38.17 3.47 -4.70
N GLY C 135 -37.50 3.89 -5.77
CA GLY C 135 -38.02 4.94 -6.63
C GLY C 135 -38.29 6.26 -5.94
N ILE C 136 -37.47 6.62 -4.95
CA ILE C 136 -37.69 7.86 -4.21
C ILE C 136 -36.42 8.71 -4.16
N GLN C 137 -35.53 8.55 -5.16
CA GLN C 137 -34.28 9.30 -5.12
C GLN C 137 -34.53 10.80 -5.18
N GLU C 138 -35.29 11.25 -6.18
CA GLU C 138 -35.42 12.68 -6.44
C GLU C 138 -35.96 13.47 -5.26
N HIS C 139 -36.40 12.81 -4.19
CA HIS C 139 -36.84 13.50 -2.99
C HIS C 139 -35.70 13.76 -2.00
N PHE C 140 -34.48 13.33 -2.31
CA PHE C 140 -33.35 13.47 -1.40
C PHE C 140 -32.14 13.99 -2.19
N VAL C 141 -31.35 14.84 -1.54
CA VAL C 141 -30.19 15.48 -2.18
C VAL C 141 -28.94 14.88 -1.55
N LEU C 142 -28.32 13.94 -2.25
CA LEU C 142 -27.09 13.31 -1.83
C LEU C 142 -25.94 13.77 -2.74
N GLY C 143 -24.74 13.30 -2.42
CA GLY C 143 -23.59 13.66 -3.22
C GLY C 143 -22.36 12.89 -2.77
N LEU C 144 -21.20 13.42 -3.14
CA LEU C 144 -19.93 12.79 -2.81
C LEU C 144 -18.93 13.85 -2.35
N TRP C 145 -18.10 13.48 -1.38
CA TRP C 145 -17.02 14.35 -0.92
C TRP C 145 -15.83 14.19 -1.86
N ASN C 146 -15.42 15.30 -2.50
CA ASN C 146 -14.27 15.30 -3.38
C ASN C 146 -13.00 15.47 -2.56
N ILE C 147 -12.05 14.55 -2.75
CA ILE C 147 -10.91 14.46 -1.84
C ILE C 147 -9.59 14.51 -2.58
N LYS C 148 -9.61 14.79 -3.89
CA LYS C 148 -8.36 14.76 -4.65
C LYS C 148 -7.33 15.70 -4.02
N ASN C 149 -7.75 16.90 -3.62
CA ASN C 149 -6.90 17.78 -2.84
C ASN C 149 -7.09 17.46 -1.36
N GLU C 150 -6.04 16.97 -0.71
CA GLU C 150 -6.16 16.56 0.68
C GLU C 150 -6.43 17.72 1.62
N GLU C 151 -6.07 18.94 1.21
CA GLU C 151 -6.24 20.14 2.02
C GLU C 151 -7.51 20.91 1.70
N ASN C 152 -8.16 20.61 0.57
CA ASN C 152 -9.39 21.30 0.16
C ASN C 152 -10.43 20.25 -0.22
N VAL C 153 -11.22 19.83 0.77
CA VAL C 153 -12.23 18.80 0.60
C VAL C 153 -13.61 19.43 0.69
N TYR C 154 -14.49 19.07 -0.24
CA TYR C 154 -15.82 19.65 -0.33
C TYR C 154 -16.79 18.61 -0.85
N PHE C 155 -18.07 18.96 -0.84
CA PHE C 155 -19.17 18.05 -1.13
C PHE C 155 -19.83 18.48 -2.43
N TYR C 156 -19.69 17.66 -3.48
CA TYR C 156 -20.25 17.96 -4.79
C TYR C 156 -21.66 17.35 -4.86
N MET C 157 -22.67 18.19 -4.66
CA MET C 157 -24.08 17.80 -4.74
C MET C 157 -24.77 18.50 -5.90
N PRO C 158 -25.88 17.95 -6.40
CA PRO C 158 -26.64 18.66 -7.44
C PRO C 158 -27.29 19.93 -6.89
N LYS C 159 -27.41 20.91 -7.77
CA LYS C 159 -27.97 22.20 -7.41
C LYS C 159 -29.47 22.20 -7.65
N ILE C 160 -30.24 22.56 -6.63
CA ILE C 160 -31.68 22.66 -6.73
C ILE C 160 -32.06 24.13 -6.58
N ASN C 161 -33.26 24.46 -7.04
CA ASN C 161 -33.77 25.83 -7.04
C ASN C 161 -35.03 25.90 -6.19
N ALA C 162 -34.98 26.69 -5.13
CA ALA C 162 -36.11 26.84 -4.24
C ALA C 162 -37.14 27.81 -4.82
N ILE C 163 -38.41 27.47 -4.64
CA ILE C 163 -39.51 28.33 -5.05
C ILE C 163 -40.41 28.55 -3.84
N PRO C 164 -41.36 29.49 -3.90
CA PRO C 164 -42.25 29.69 -2.75
C PRO C 164 -42.94 28.41 -2.29
N ILE C 165 -43.35 28.37 -1.03
CA ILE C 165 -44.08 27.24 -0.47
C ILE C 165 -45.48 27.71 -0.10
N ASN C 166 -46.49 26.98 -0.55
CA ASN C 166 -47.89 27.25 -0.21
C ASN C 166 -48.44 25.94 0.37
N LYS C 167 -48.53 25.87 1.70
CA LYS C 167 -48.90 24.61 2.36
C LYS C 167 -50.20 24.05 1.80
N LYS C 168 -51.16 24.92 1.45
CA LYS C 168 -52.44 24.44 0.95
C LYS C 168 -52.34 24.07 -0.52
N ILE C 169 -51.92 25.01 -1.37
CA ILE C 169 -51.87 24.75 -2.80
C ILE C 169 -50.88 23.63 -3.11
N ASP C 170 -49.77 23.58 -2.39
CA ASP C 170 -48.71 22.60 -2.64
C ASP C 170 -48.69 21.47 -1.61
N GLN C 171 -49.86 21.08 -1.11
CA GLN C 171 -49.91 19.99 -0.15
C GLN C 171 -49.51 18.64 -0.77
N PRO C 172 -49.92 18.34 -2.00
CA PRO C 172 -49.47 17.06 -2.61
C PRO C 172 -47.96 16.90 -2.63
N LYS C 173 -47.21 18.01 -2.74
CA LYS C 173 -45.76 17.92 -2.68
C LYS C 173 -45.31 17.36 -1.33
N ILE C 174 -45.89 17.87 -0.24
CA ILE C 174 -45.47 17.42 1.09
C ILE C 174 -45.87 15.98 1.33
N GLU C 175 -47.12 15.64 1.02
CA GLU C 175 -47.59 14.27 1.21
C GLU C 175 -46.67 13.27 0.50
N GLU C 176 -46.27 13.59 -0.72
CA GLU C 176 -45.42 12.67 -1.48
C GLU C 176 -44.06 12.50 -0.80
N PHE C 177 -43.47 13.60 -0.33
CA PHE C 177 -42.17 13.52 0.34
C PHE C 177 -42.29 12.78 1.65
N VAL C 178 -43.29 13.12 2.47
CA VAL C 178 -43.45 12.47 3.77
C VAL C 178 -43.57 10.97 3.61
N LEU C 179 -44.28 10.51 2.58
CA LEU C 179 -44.35 9.08 2.32
C LEU C 179 -43.00 8.55 1.86
N ALA C 180 -42.30 9.30 0.99
CA ALA C 180 -40.96 8.91 0.61
C ALA C 180 -40.07 8.76 1.84
N LEU C 181 -40.17 9.71 2.78
CA LEU C 181 -39.38 9.63 4.00
C LEU C 181 -39.77 8.42 4.84
N LYS C 182 -41.06 8.09 4.89
CA LYS C 182 -41.49 6.93 5.67
C LYS C 182 -40.86 5.65 5.15
N GLU C 183 -40.91 5.44 3.82
CA GLU C 183 -40.25 4.30 3.22
C GLU C 183 -38.79 4.23 3.65
N LEU C 184 -38.15 5.39 3.82
CA LEU C 184 -36.77 5.42 4.28
C LEU C 184 -36.68 5.11 5.77
N ASN C 185 -37.64 5.61 6.55
CA ASN C 185 -37.62 5.35 7.99
C ASN C 185 -37.91 3.88 8.29
N ASP C 186 -38.82 3.27 7.53
CA ASP C 186 -39.19 1.88 7.78
C ASP C 186 -38.01 0.92 7.58
N ALA C 187 -37.01 1.31 6.79
CA ALA C 187 -35.88 0.44 6.49
C ALA C 187 -34.68 0.67 7.39
N GLY C 188 -34.79 1.58 8.36
CA GLY C 188 -33.71 1.80 9.31
C GLY C 188 -32.83 3.00 9.01
N TYR C 189 -33.21 3.85 8.06
CA TYR C 189 -32.49 5.08 7.78
C TYR C 189 -33.34 6.27 8.20
N TRP C 190 -32.68 7.36 8.56
CA TRP C 190 -33.40 8.59 8.86
C TRP C 190 -32.47 9.78 8.67
N HIS C 191 -33.08 10.96 8.54
CA HIS C 191 -32.32 12.18 8.34
C HIS C 191 -31.51 12.51 9.59
N PRO C 192 -30.26 12.96 9.45
CA PRO C 192 -29.50 13.36 10.64
C PRO C 192 -29.96 14.68 11.24
N ASP C 193 -30.47 15.62 10.43
CA ASP C 193 -30.91 16.93 10.90
C ASP C 193 -32.14 17.37 10.10
N LEU C 194 -33.29 16.78 10.43
CA LEU C 194 -34.56 17.22 9.86
C LEU C 194 -35.62 17.19 10.95
N ALA C 195 -35.66 16.11 11.72
CA ALA C 195 -36.64 15.98 12.80
C ALA C 195 -36.17 14.94 13.81
N ASN C 196 -35.22 15.31 14.66
CA ASN C 196 -34.63 14.34 15.58
C ASN C 196 -35.60 13.91 16.68
N ASN C 197 -36.69 14.64 16.87
CA ASN C 197 -37.65 14.35 17.94
C ASN C 197 -38.92 15.16 17.67
N PRO C 198 -40.01 14.87 18.39
CA PRO C 198 -41.25 15.64 18.16
C PRO C 198 -41.10 17.13 18.40
N TYR C 199 -40.18 17.55 19.27
CA TYR C 199 -40.03 18.96 19.60
C TYR C 199 -38.96 19.66 18.77
N HIS C 200 -38.26 18.95 17.89
CA HIS C 200 -37.25 19.55 17.03
C HIS C 200 -37.62 19.38 15.57
N ILE C 201 -37.41 20.45 14.80
CA ILE C 201 -37.66 20.43 13.36
C ILE C 201 -36.73 21.45 12.72
N SER C 202 -36.19 21.08 11.54
CA SER C 202 -35.28 21.93 10.78
C SER C 202 -35.90 22.18 9.41
N PRO C 203 -36.87 23.09 9.32
CA PRO C 203 -37.52 23.34 8.03
C PRO C 203 -36.58 23.90 6.97
N GLN C 204 -35.42 24.42 7.37
CA GLN C 204 -34.47 24.93 6.40
C GLN C 204 -33.96 23.84 5.47
N ASN C 205 -34.07 22.57 5.89
CA ASN C 205 -33.66 21.45 5.07
C ASN C 205 -34.79 20.91 4.21
N LEU C 206 -35.90 21.63 4.09
CA LEU C 206 -37.00 21.27 3.21
C LEU C 206 -37.08 22.32 2.11
N ILE C 207 -36.80 21.92 0.88
CA ILE C 207 -36.77 22.80 -0.28
C ILE C 207 -37.87 22.36 -1.23
N ALA C 208 -38.68 23.32 -1.68
CA ALA C 208 -39.75 23.05 -2.63
C ALA C 208 -39.32 23.51 -4.01
N THR C 209 -39.47 22.64 -5.00
CA THR C 209 -39.17 22.95 -6.39
C THR C 209 -40.47 22.99 -7.19
N GLU C 210 -40.34 23.01 -8.51
CA GLU C 210 -41.51 23.09 -9.37
C GLU C 210 -42.39 21.85 -9.23
N GLU C 211 -41.76 20.68 -9.14
CA GLU C 211 -42.50 19.41 -9.17
C GLU C 211 -42.73 18.81 -7.79
N MET C 212 -41.81 18.98 -6.84
CA MET C 212 -41.89 18.24 -5.59
C MET C 212 -41.15 19.01 -4.50
N VAL C 213 -41.10 18.39 -3.31
CA VAL C 213 -40.31 18.87 -2.18
C VAL C 213 -39.18 17.89 -1.93
N LYS C 214 -37.96 18.40 -1.85
CA LYS C 214 -36.77 17.61 -1.56
C LYS C 214 -36.23 17.99 -0.19
N THR C 215 -35.17 17.29 0.24
CA THR C 215 -34.52 17.58 1.50
C THR C 215 -33.01 17.60 1.31
N ILE C 216 -32.33 18.49 2.04
CA ILE C 216 -30.90 18.69 1.90
C ILE C 216 -30.21 18.51 3.24
N ASP C 217 -28.91 18.83 3.28
CA ASP C 217 -28.08 18.62 4.48
C ASP C 217 -27.93 17.11 4.75
N LEU C 218 -27.54 16.38 3.71
CA LEU C 218 -27.29 14.95 3.80
C LEU C 218 -25.85 14.63 3.43
N ASP C 219 -24.94 15.58 3.66
CA ASP C 219 -23.54 15.37 3.31
C ASP C 219 -22.94 14.20 4.08
N GLY C 220 -23.37 13.99 5.31
CA GLY C 220 -22.94 12.85 6.08
C GLY C 220 -23.73 11.58 5.83
N GLY C 221 -24.65 11.61 4.87
CA GLY C 221 -25.50 10.47 4.63
C GLY C 221 -26.54 10.27 5.71
N PHE C 222 -27.43 9.30 5.49
CA PHE C 222 -28.47 9.03 6.46
C PHE C 222 -27.90 8.35 7.69
N ARG C 223 -28.53 8.58 8.83
CA ARG C 223 -28.21 7.84 10.03
C ARG C 223 -28.85 6.45 9.97
N TYR C 224 -28.26 5.52 10.73
CA TYR C 224 -28.79 4.17 10.79
C TYR C 224 -28.27 3.50 12.06
N ASP C 225 -29.07 2.58 12.58
CA ASP C 225 -28.73 1.90 13.83
C ASP C 225 -27.47 1.06 13.65
N LYS C 226 -26.56 1.16 14.62
CA LYS C 226 -25.31 0.42 14.59
C LYS C 226 -25.23 -0.61 15.72
N GLY C 227 -26.38 -1.03 16.26
CA GLY C 227 -26.42 -2.03 17.29
C GLY C 227 -26.13 -1.54 18.69
N ARG C 228 -25.87 -0.24 18.87
CA ARG C 228 -25.61 0.28 20.20
C ARG C 228 -26.89 0.27 21.03
N VAL C 229 -26.73 0.12 22.35
CA VAL C 229 -27.84 -0.10 23.26
C VAL C 229 -27.92 0.97 24.34
N ASP C 230 -27.12 2.02 24.24
CA ASP C 230 -27.19 3.10 25.23
C ASP C 230 -28.52 3.84 25.10
N GLU C 231 -28.82 4.67 26.09
CA GLU C 231 -30.12 5.34 26.13
C GLU C 231 -30.28 6.29 24.95
N LEU C 232 -29.21 7.01 24.58
CA LEU C 232 -29.32 7.99 23.51
C LEU C 232 -29.57 7.31 22.17
N SER C 233 -28.85 6.23 21.87
CA SER C 233 -28.99 5.58 20.58
C SER C 233 -30.37 4.94 20.42
N ARG C 234 -30.91 4.37 21.49
CA ARG C 234 -32.22 3.72 21.39
C ARG C 234 -33.33 4.73 21.11
N LYS C 235 -33.30 5.88 21.80
CA LYS C 235 -34.32 6.89 21.57
C LYS C 235 -34.21 7.46 20.15
N SER C 236 -32.98 7.60 19.65
CA SER C 236 -32.80 8.09 18.29
C SER C 236 -33.35 7.12 17.27
N LEU C 237 -33.24 5.82 17.54
CA LEU C 237 -33.80 4.82 16.63
C LEU C 237 -35.32 4.91 16.59
N VAL C 238 -35.96 5.05 17.76
CA VAL C 238 -37.42 5.20 17.79
C VAL C 238 -37.84 6.48 17.08
N TYR C 239 -37.14 7.58 17.37
CA TYR C 239 -37.44 8.84 16.70
C TYR C 239 -37.17 8.72 15.20
N GLY C 240 -36.09 8.04 14.82
CA GLY C 240 -35.73 7.94 13.42
C GLY C 240 -36.73 7.14 12.60
N LYS C 241 -37.46 6.22 13.23
CA LYS C 241 -38.48 5.47 12.53
C LYS C 241 -39.78 6.25 12.39
N ASP C 242 -40.08 7.11 13.37
CA ASP C 242 -41.26 7.97 13.32
C ASP C 242 -40.92 9.38 12.83
N GLN C 243 -39.73 9.58 12.27
CA GLN C 243 -39.34 10.88 11.74
C GLN C 243 -40.36 11.40 10.74
N TRP C 244 -40.81 10.53 9.83
CA TRP C 244 -41.81 10.92 8.84
C TRP C 244 -43.04 11.53 9.52
N LEU C 245 -43.41 11.00 10.69
CA LEU C 245 -44.61 11.49 11.37
C LEU C 245 -44.39 12.88 11.95
N TYR C 246 -43.19 13.13 12.47
CA TYR C 246 -42.90 14.45 13.03
C TYR C 246 -42.97 15.52 11.96
N VAL C 247 -42.51 15.22 10.74
CA VAL C 247 -42.50 16.20 9.68
C VAL C 247 -43.92 16.50 9.21
N TYR C 248 -44.75 15.46 9.05
CA TYR C 248 -46.11 15.67 8.58
C TYR C 248 -46.90 16.53 9.55
N ASN C 249 -46.80 16.25 10.85
CA ASN C 249 -47.61 16.95 11.83
C ASN C 249 -47.09 18.35 12.15
N PHE C 250 -45.78 18.58 11.97
CA PHE C 250 -45.29 19.96 12.09
C PHE C 250 -45.89 20.84 11.00
N ILE C 251 -46.10 20.28 9.81
CA ILE C 251 -46.70 21.03 8.71
C ILE C 251 -48.22 20.99 8.79
N TYR C 252 -48.80 19.82 9.07
CA TYR C 252 -50.24 19.64 9.13
C TYR C 252 -50.60 19.04 10.49
N PRO C 253 -50.62 19.85 11.53
CA PRO C 253 -50.98 19.35 12.87
C PRO C 253 -52.48 19.11 12.95
N PRO C 254 -52.91 18.18 13.79
CA PRO C 254 -54.34 17.87 13.88
C PRO C 254 -55.14 19.03 14.44
N THR C 255 -56.44 19.01 14.16
CA THR C 255 -57.36 20.04 14.62
C THR C 255 -58.61 19.42 15.25
N ILE C 262 -55.29 21.14 18.04
CA ILE C 262 -54.69 20.11 18.88
C ILE C 262 -53.17 20.33 18.95
N ASP C 263 -52.55 19.82 20.01
CA ASP C 263 -51.09 19.81 20.17
C ASP C 263 -50.66 18.35 20.08
N TRP C 264 -50.10 17.96 18.92
CA TRP C 264 -49.87 16.55 18.61
C TRP C 264 -48.66 15.96 19.33
N ARG C 265 -47.77 16.78 19.88
CA ARG C 265 -46.60 16.23 20.55
C ARG C 265 -46.98 15.53 21.84
N VAL C 266 -47.96 16.07 22.58
CA VAL C 266 -48.29 15.52 23.90
C VAL C 266 -48.74 14.06 23.80
N PRO C 267 -49.67 13.69 22.91
CA PRO C 267 -50.07 12.26 22.87
C PRO C 267 -48.90 11.31 22.60
N ILE C 268 -48.05 11.61 21.62
CA ILE C 268 -46.94 10.71 21.33
C ILE C 268 -45.86 10.80 22.40
N GLU C 269 -45.75 11.96 23.08
CA GLU C 269 -44.83 12.07 24.19
C GLU C 269 -45.13 11.03 25.26
N LYS C 270 -46.40 10.93 25.67
CA LYS C 270 -46.81 9.95 26.66
C LYS C 270 -46.80 8.53 26.11
N TRP C 271 -46.76 8.37 24.78
CA TRP C 271 -46.76 7.04 24.19
C TRP C 271 -45.38 6.39 24.32
N TYR C 272 -44.34 7.06 23.84
CA TYR C 272 -43.00 6.54 24.00
C TYR C 272 -42.64 6.40 25.47
N GLU C 273 -43.14 7.30 26.32
CA GLU C 273 -42.79 7.35 27.72
C GLU C 273 -43.44 6.26 28.56
N ASN C 274 -44.05 5.26 27.92
CA ASN C 274 -44.54 4.08 28.64
C ASN C 274 -44.28 2.85 27.79
N ASN C 275 -44.56 2.95 26.48
CA ASN C 275 -44.17 1.91 25.52
C ASN C 275 -42.78 2.29 25.00
N ARG C 276 -41.75 1.61 25.51
CA ARG C 276 -40.37 1.98 25.27
C ARG C 276 -39.67 0.94 24.41
N ASP C 277 -38.73 1.40 23.60
CA ASP C 277 -38.05 0.57 22.60
C ASP C 277 -39.05 0.03 21.57
N GLU C 278 -40.10 0.79 21.30
CA GLU C 278 -41.07 0.44 20.27
C GLU C 278 -41.61 1.71 19.65
N SER C 279 -41.69 1.73 18.32
CA SER C 279 -42.08 2.91 17.58
C SER C 279 -43.56 2.86 17.22
N LEU C 280 -44.08 4.00 16.75
CA LEU C 280 -45.45 4.06 16.29
C LEU C 280 -45.63 3.35 14.95
N SER C 281 -44.59 3.34 14.11
CA SER C 281 -44.69 2.70 12.80
C SER C 281 -44.70 1.19 12.94
N ASP C 282 -43.93 0.65 13.88
CA ASP C 282 -43.89 -0.79 14.11
C ASP C 282 -45.13 -1.30 14.85
N ASN C 283 -46.08 -0.42 15.18
CA ASN C 283 -47.34 -0.82 15.82
C ASN C 283 -48.47 -0.06 15.15
N PRO C 284 -48.90 -0.52 13.97
CA PRO C 284 -49.87 0.26 13.19
C PRO C 284 -51.20 0.46 13.89
N HIS C 285 -51.57 -0.43 14.81
CA HIS C 285 -52.83 -0.28 15.52
C HIS C 285 -52.91 1.04 16.28
N THR C 286 -51.77 1.55 16.74
CA THR C 286 -51.78 2.80 17.50
C THR C 286 -52.01 4.01 16.59
N LEU C 287 -51.32 4.05 15.44
CA LEU C 287 -51.43 5.21 14.57
C LEU C 287 -52.86 5.43 14.11
N LEU C 288 -53.52 4.36 13.66
CA LEU C 288 -54.94 4.48 13.31
C LEU C 288 -55.75 4.85 14.54
N ARG C 289 -55.43 4.26 15.69
CA ARG C 289 -56.12 4.61 16.94
C ARG C 289 -55.99 6.10 17.22
N PHE C 290 -54.76 6.64 17.14
CA PHE C 290 -54.57 8.06 17.38
C PHE C 290 -55.17 8.90 16.25
N TYR C 291 -55.09 8.40 15.02
CA TYR C 291 -55.70 9.13 13.90
C TYR C 291 -57.21 9.11 13.99
N HIS C 292 -57.79 7.98 14.41
CA HIS C 292 -59.24 7.90 14.57
C HIS C 292 -59.72 8.78 15.72
N GLU C 293 -58.94 8.86 16.80
CA GLU C 293 -59.26 9.71 17.93
C GLU C 293 -58.98 11.19 17.66
N GLY C 294 -58.40 11.53 16.52
CA GLY C 294 -58.08 12.91 16.22
C GLY C 294 -56.86 13.43 16.93
N LEU C 295 -55.89 12.56 17.25
CA LEU C 295 -54.72 12.99 17.99
C LEU C 295 -53.53 13.33 17.08
N ILE C 296 -53.44 12.72 15.91
CA ILE C 296 -52.36 12.95 14.97
C ILE C 296 -52.95 13.19 13.58
N SER C 297 -52.07 13.48 12.62
CA SER C 297 -52.45 13.67 11.23
C SER C 297 -51.60 12.75 10.37
N LEU C 298 -52.26 12.04 9.45
CA LEU C 298 -51.62 11.14 8.52
C LEU C 298 -52.07 11.48 7.11
N PRO C 299 -51.30 11.08 6.10
CA PRO C 299 -51.77 11.26 4.72
C PRO C 299 -52.96 10.34 4.43
N LYS C 300 -53.83 10.80 3.54
CA LYS C 300 -54.95 9.98 3.10
C LYS C 300 -54.48 8.56 2.79
N LYS C 301 -53.37 8.45 2.07
CA LYS C 301 -52.91 7.16 1.59
C LYS C 301 -52.58 6.22 2.76
N LEU C 302 -51.81 6.72 3.73
CA LEU C 302 -51.38 5.84 4.82
C LEU C 302 -52.56 5.47 5.72
N ALA C 303 -53.46 6.43 5.97
CA ALA C 303 -54.66 6.10 6.74
C ALA C 303 -55.45 4.99 6.07
N HIS C 304 -55.64 5.10 4.75
CA HIS C 304 -56.34 4.07 3.98
C HIS C 304 -55.69 2.71 4.16
N ASP C 305 -54.39 2.60 3.82
CA ASP C 305 -53.73 1.29 3.85
C ASP C 305 -53.62 0.73 5.26
N LEU C 306 -53.43 1.59 6.27
CA LEU C 306 -53.47 1.11 7.64
C LEU C 306 -54.81 0.43 7.94
N HIS C 307 -55.91 1.00 7.44
CA HIS C 307 -57.23 0.44 7.65
C HIS C 307 -57.42 -0.90 6.95
N GLU C 308 -56.63 -1.17 5.90
CA GLU C 308 -56.75 -2.43 5.18
C GLU C 308 -56.08 -3.59 5.91
N THR C 309 -55.29 -3.31 6.96
CA THR C 309 -54.64 -4.35 7.74
C THR C 309 -55.18 -4.47 9.16
N ILE C 310 -56.07 -3.57 9.58
CA ILE C 310 -56.73 -3.77 10.86
C ILE C 310 -57.90 -4.73 10.71
N LEU C 311 -58.51 -4.77 9.53
CA LEU C 311 -59.64 -5.66 9.29
C LEU C 311 -59.19 -7.10 9.08
N GLU C 312 -58.00 -7.29 8.51
CA GLU C 312 -57.46 -8.61 8.26
C GLU C 312 -56.85 -9.25 9.49
N GLU C 313 -56.78 -8.53 10.61
CA GLU C 313 -56.28 -9.11 11.85
C GLU C 313 -57.22 -10.19 12.35
N LEU C 314 -56.81 -10.88 13.40
CA LEU C 314 -57.64 -11.92 14.00
C LEU C 314 -58.26 -11.44 15.31
C1 IHP D . -7.92 -28.54 18.74
C2 IHP D . -8.47 -29.46 19.83
C3 IHP D . -7.36 -30.09 20.68
C4 IHP D . -6.50 -28.99 21.30
C5 IHP D . -5.83 -28.17 20.18
C6 IHP D . -6.88 -27.55 19.25
O11 IHP D . -8.97 -27.80 18.18
P1 IHP D . -9.59 -28.30 16.73
O21 IHP D . -9.61 -27.13 15.76
O31 IHP D . -8.72 -29.41 16.20
O41 IHP D . -10.99 -28.79 16.90
O12 IHP D . -9.20 -30.48 19.21
P2 IHP D . -10.61 -30.93 19.93
O22 IHP D . -11.40 -29.69 20.27
O32 IHP D . -11.43 -31.81 19.02
O42 IHP D . -10.26 -31.70 21.19
O13 IHP D . -6.57 -30.89 19.86
P3 IHP D . -5.97 -32.31 20.45
O23 IHP D . -6.54 -32.53 21.83
O33 IHP D . -6.37 -33.43 19.53
O43 IHP D . -4.46 -32.25 20.55
O14 IHP D . -5.51 -29.53 22.12
P4 IHP D . -5.55 -29.11 23.71
O24 IHP D . -6.65 -29.90 24.37
O34 IHP D . -5.84 -27.63 23.83
O44 IHP D . -4.23 -29.44 24.37
O15 IHP D . -5.05 -27.17 20.74
P5 IHP D . -3.47 -27.12 20.30
O25 IHP D . -2.61 -26.63 21.44
O35 IHP D . -3.01 -28.50 19.90
O45 IHP D . -3.37 -26.17 19.13
O16 IHP D . -6.17 -27.02 18.15
P6 IHP D . -6.41 -25.46 17.74
O26 IHP D . -7.07 -25.36 16.38
O36 IHP D . -7.31 -24.83 18.77
O46 IHP D . -5.06 -24.79 17.70
H1 IHP D . -7.49 -29.10 18.06
H2 IHP D . -9.05 -28.95 20.41
H3 IHP D . -7.73 -30.66 21.38
H4 IHP D . -7.05 -28.43 21.87
H5 IHP D . -5.26 -28.76 19.67
H6 IHP D . -7.35 -26.85 19.73
C1 IHP E . 42.77 12.59 -21.46
C2 IHP E . 43.66 12.70 -22.72
C3 IHP E . 42.84 13.17 -23.94
C4 IHP E . 42.16 14.52 -23.69
C5 IHP E . 41.24 14.40 -22.47
C6 IHP E . 42.01 13.90 -21.23
O11 IHP E . 43.56 12.32 -20.32
P1 IHP E . 44.15 10.80 -20.15
O21 IHP E . 44.41 10.48 -18.69
O31 IHP E . 43.14 9.87 -20.76
O41 IHP E . 45.46 10.61 -20.90
O12 IHP E . 44.21 11.45 -23.01
P2 IHP E . 45.56 11.38 -23.96
O22 IHP E . 46.44 12.56 -23.61
O32 IHP E . 46.32 10.09 -23.74
O42 IHP E . 45.14 11.42 -25.42
O13 IHP E . 41.83 12.21 -24.15
P3 IHP E . 41.65 11.56 -25.65
O23 IHP E . 42.44 12.38 -26.64
O33 IHP E . 42.18 10.14 -25.69
O43 IHP E . 40.17 11.59 -25.99
O14 IHP E . 41.44 14.88 -24.84
P4 IHP E . 41.59 16.43 -25.37
O24 IHP E . 42.57 16.44 -26.53
O34 IHP E . 42.12 17.29 -24.25
O44 IHP E . 40.25 16.98 -25.82
O15 IHP E . 40.67 15.65 -22.19
P5 IHP E . 39.11 15.67 -21.64
O25 IHP E . 38.38 16.94 -21.98
O35 IHP E . 38.39 14.55 -22.35
O45 IHP E . 39.11 15.40 -20.14
O16 IHP E . 41.09 13.68 -20.19
P6 IHP E . 41.57 14.13 -18.68
O26 IHP E . 42.11 12.95 -17.91
O36 IHP E . 42.65 15.18 -18.78
O46 IHP E . 40.35 14.70 -17.98
H1 IHP E . 42.16 11.84 -21.58
H2 IHP E . 44.37 13.33 -22.54
H3 IHP E . 43.41 13.23 -24.71
H4 IHP E . 42.81 15.23 -23.54
H5 IHP E . 40.52 13.77 -22.68
H6 IHP E . 42.64 14.59 -20.98
C1 IHP F . -15.12 19.59 -12.82
C2 IHP F . -13.94 20.17 -13.63
C3 IHP F . -12.60 19.80 -12.97
C4 IHP F . -12.42 18.28 -12.81
C5 IHP F . -13.60 17.67 -12.03
C6 IHP F . -14.95 18.05 -12.70
O11 IHP F . -16.33 19.84 -13.46
P1 IHP F . -17.07 21.32 -13.32
O21 IHP F . -18.55 21.23 -13.71
O31 IHP F . -17.02 21.72 -11.88
O41 IHP F . -16.39 22.34 -14.21
O12 IHP F . -14.02 21.57 -13.72
P2 IHP F . -13.50 22.28 -15.13
O22 IHP F . -14.46 21.97 -16.27
O32 IHP F . -13.44 23.78 -14.94
O42 IHP F . -12.13 21.73 -15.46
O13 IHP F . -12.60 20.35 -11.66
P3 IHP F . -11.46 21.47 -11.25
O23 IHP F . -10.24 21.26 -12.13
O33 IHP F . -11.99 22.86 -11.48
O43 IHP F . -11.09 21.30 -9.79
O14 IHP F . -11.23 18.04 -12.13
P4 IHP F . -9.97 17.37 -12.96
O24 IHP F . -8.86 18.40 -13.09
O34 IHP F . -10.46 16.93 -14.32
O44 IHP F . -9.41 16.19 -12.20
O15 IHP F . -13.46 16.28 -11.95
P5 IHP F . -13.71 15.60 -10.47
O25 IHP F . -13.08 14.22 -10.44
O35 IHP F . -13.18 16.51 -9.37
O45 IHP F . -15.19 15.42 -10.25
O16 IHP F . -15.99 17.50 -11.96
P6 IHP F . -17.04 16.51 -12.77
O26 IHP F . -18.42 17.12 -12.70
O36 IHP F . -16.55 16.39 -14.20
O46 IHP F . -17.09 15.13 -12.14
H1 IHP F . -15.15 20.02 -11.95
H2 IHP F . -14.00 19.84 -14.53
H3 IHP F . -11.88 20.16 -13.50
H4 IHP F . -12.37 17.86 -13.68
H5 IHP F . -13.59 18.00 -11.11
H6 IHP F . -14.97 17.67 -13.59
#